data_4CAZ
#
_entry.id   4CAZ
#
_cell.length_a   157.854
_cell.length_b   157.854
_cell.length_c   107.284
_cell.angle_alpha   90.00
_cell.angle_beta   90.00
_cell.angle_gamma   120.00
#
_symmetry.space_group_name_H-M   'P 31 2 1'
#
loop_
_entity.id
_entity.type
_entity.pdbx_description
1 polymer 'BETAINE ALDEHYDE DEHYDROGENASE'
2 non-polymer 1,2-ETHANEDIOL
3 non-polymer 2-{2-[2-(2-{2-[2-(2-ETHOXY-ETHOXY)-ETHOXY]-ETHOXY}-ETHOXY)-ETHOXY]-ETHOXY}-ETHANOL
4 non-polymer 'POTASSIUM ION'
5 non-polymer GLYCEROL
6 non-polymer '[[(2R,3S,4R,5R)-5-[(3R)-3-aminocarbonyl-3,4-dihydro-2H-pyridin-1-yl]-3,4-bis(oxidanyl)oxolan-2-yl]methoxy-oxidanidyl-ph osphoryl] [(2R,3S,4R,5R)-5-(6-aminopurin-9-yl)-3,4-bis(oxidanyl)oxolan-2-yl]methyl phosphate'
7 water water
#
_entity_poly.entity_id   1
_entity_poly.type   'polypeptide(L)'
_entity_poly.pdbx_seq_one_letter_code
;MARFEEQKLYIGGRYVEASSGATFETINPANGEVLAKVQRASREDVERAVQSAVEGQKVWAAMTAMQRSRILRRAVDILR
ERNDELAALETLDTGKPLAETRSVDIVTGADVLEYYAGLVPAIEGEQIPLRETSFVYTRREPLGVVAGIGAWNYPVQIAL
WKSAPALAAGNAMIFKPSEVTPLTALKLAEIYTEAGVPDGVFNVLTGSGREVGQWLTEHPLIEKISFTGGTSTGKKVMAS
ASSSSLKEVTMELGGKSPLIIFPDADLDRAADIAVMANFFSSGQVCTNGTRVFIHRSQQARFEAKVLERVQRIRLGDPQD
ENTNFGPLVSFPHMESVLGYIESGKAQKARLLCGGERVTDGAFGKGAYVAPTVFTDCRDDMTIVREEIFGPVMSILVYDD
EDEAIRRANDTEYGLAAGVVTQDLARAHRAIHRLEAGICWINTWGESPAEMPVGGYKQSGVGRENGLTTLAHYTRIKSVQ
VELGDYASVF
;
_entity_poly.pdbx_strand_id   A,B
#
loop_
_chem_comp.id
_chem_comp.type
_chem_comp.name
_chem_comp.formula
EDO non-polymer 1,2-ETHANEDIOL 'C2 H6 O2'
GOL non-polymer GLYCEROL 'C3 H8 O3'
K non-polymer 'POTASSIUM ION' 'K 1'
PE4 non-polymer 2-{2-[2-(2-{2-[2-(2-ETHOXY-ETHOXY)-ETHOXY]-ETHOXY}-ETHOXY)-ETHOXY]-ETHOXY}-ETHANOL 'C16 H34 O8'
TXE non-polymer '[[(2R,3S,4R,5R)-5-[(3R)-3-aminocarbonyl-3,4-dihydro-2H-pyridin-1-yl]-3,4-bis(oxidanyl)oxolan-2-yl]methoxy-oxidanidyl-ph osphoryl] [(2R,3S,4R,5R)-5-(6-aminopurin-9-yl)-3,4-bis(oxidanyl)oxolan-2-yl]methyl phosphate' 'C21 H31 N7 O14 P2'
#
# COMPACT_ATOMS: atom_id res chain seq x y z
N ALA A 2 31.70 2.22 -31.78
CA ALA A 2 30.80 1.96 -30.66
C ALA A 2 29.67 1.03 -31.07
N ARG A 3 29.29 0.14 -30.15
CA ARG A 3 28.18 -0.78 -30.36
C ARG A 3 26.85 -0.03 -30.54
N PHE A 4 26.70 1.06 -29.80
CA PHE A 4 25.44 1.79 -29.77
C PHE A 4 25.65 3.23 -30.21
N GLU A 5 24.57 3.91 -30.58
CA GLU A 5 24.69 5.33 -30.91
C GLU A 5 25.01 6.17 -29.67
N GLU A 6 25.45 7.41 -29.89
CA GLU A 6 25.79 8.33 -28.80
C GLU A 6 24.59 8.53 -27.88
N GLN A 7 24.82 8.47 -26.57
CA GLN A 7 23.74 8.60 -25.59
C GLN A 7 23.55 10.05 -25.16
N LYS A 8 22.31 10.52 -25.21
CA LYS A 8 22.00 11.91 -24.89
C LYS A 8 21.36 12.04 -23.51
N LEU A 9 21.24 13.28 -23.03
CA LEU A 9 20.56 13.53 -21.76
C LEU A 9 19.07 13.27 -21.90
N TYR A 10 18.43 12.91 -20.80
CA TYR A 10 16.97 12.79 -20.81
C TYR A 10 16.34 13.85 -19.89
N ILE A 11 15.71 14.84 -20.53
CA ILE A 11 15.10 15.94 -19.79
C ILE A 11 13.73 16.22 -20.40
N GLY A 12 12.69 16.29 -19.56
CA GLY A 12 11.35 16.61 -20.03
C GLY A 12 10.65 15.61 -20.94
N GLY A 13 10.87 14.32 -20.69
CA GLY A 13 10.11 13.29 -21.37
C GLY A 13 10.69 12.89 -22.71
N ARG A 14 11.94 13.29 -22.95
CA ARG A 14 12.60 13.02 -24.20
C ARG A 14 14.11 13.19 -24.07
N TYR A 15 14.84 12.69 -25.05
CA TYR A 15 16.28 12.91 -25.15
C TYR A 15 16.56 14.31 -25.69
N VAL A 16 17.61 14.96 -25.18
CA VAL A 16 18.01 16.27 -25.67
C VAL A 16 19.53 16.36 -25.75
N GLU A 17 20.01 17.32 -26.53
CA GLU A 17 21.44 17.52 -26.68
C GLU A 17 22.02 18.22 -25.47
N ALA A 18 23.12 17.68 -24.95
CA ALA A 18 23.91 18.38 -23.95
C ALA A 18 24.47 19.68 -24.56
N SER A 19 24.79 20.65 -23.71
CA SER A 19 25.39 21.90 -24.18
C SER A 19 26.84 22.05 -23.69
N SER A 20 27.52 20.93 -23.48
CA SER A 20 28.90 20.99 -22.99
C SER A 20 29.90 20.85 -24.13
N GLY A 21 29.47 20.22 -25.22
CA GLY A 21 30.38 19.86 -26.28
C GLY A 21 31.44 18.88 -25.77
N ALA A 22 31.08 18.06 -24.80
CA ALA A 22 32.02 17.06 -24.29
C ALA A 22 31.34 15.71 -24.13
N THR A 23 32.13 14.66 -24.31
CA THR A 23 31.62 13.30 -24.18
C THR A 23 32.60 12.43 -23.41
N PHE A 24 32.11 11.25 -23.04
CA PHE A 24 32.97 10.20 -22.52
C PHE A 24 32.40 8.91 -23.09
N GLU A 25 33.01 7.79 -22.71
CA GLU A 25 32.58 6.53 -23.27
C GLU A 25 32.39 5.50 -22.17
N THR A 26 31.47 4.56 -22.39
CA THR A 26 31.33 3.44 -21.49
C THR A 26 31.84 2.21 -22.22
N ILE A 27 32.55 1.36 -21.49
CA ILE A 27 33.23 0.21 -22.07
C ILE A 27 32.76 -1.12 -21.48
N ASN A 28 32.60 -2.13 -22.31
CA ASN A 28 32.28 -3.46 -21.81
C ASN A 28 33.51 -4.08 -21.12
N PRO A 29 33.40 -4.32 -19.81
CA PRO A 29 34.59 -4.81 -19.07
C PRO A 29 34.91 -6.25 -19.38
N ALA A 30 34.07 -6.91 -20.16
CA ALA A 30 34.33 -8.29 -20.56
C ALA A 30 35.30 -8.40 -21.77
N ASN A 31 35.35 -7.37 -22.60
CA ASN A 31 36.13 -7.44 -23.83
C ASN A 31 36.87 -6.16 -24.20
N GLY A 32 36.60 -5.08 -23.48
CA GLY A 32 37.26 -3.80 -23.74
C GLY A 32 36.67 -2.96 -24.87
N GLU A 33 35.57 -3.44 -25.47
CA GLU A 33 34.88 -2.71 -26.54
C GLU A 33 34.15 -1.46 -26.00
N VAL A 34 34.14 -0.39 -26.79
CA VAL A 34 33.32 0.77 -26.51
C VAL A 34 31.85 0.46 -26.79
N LEU A 35 31.01 0.57 -25.76
CA LEU A 35 29.59 0.35 -25.92
C LEU A 35 28.95 1.60 -26.52
N ALA A 36 29.38 2.77 -26.03
CA ALA A 36 28.79 4.02 -26.49
C ALA A 36 29.55 5.28 -26.07
N LYS A 37 29.43 6.30 -26.89
CA LYS A 37 29.75 7.66 -26.51
C LYS A 37 28.58 8.16 -25.68
N VAL A 38 28.90 8.98 -24.68
CA VAL A 38 27.88 9.51 -23.80
C VAL A 38 28.17 10.99 -23.56
N GLN A 39 27.15 11.81 -23.72
CA GLN A 39 27.31 13.25 -23.53
C GLN A 39 27.50 13.63 -22.07
N ARG A 40 28.31 14.66 -21.84
CA ARG A 40 28.49 15.20 -20.50
C ARG A 40 27.60 16.43 -20.30
N ALA A 41 26.78 16.39 -19.26
CA ALA A 41 25.93 17.54 -18.92
C ALA A 41 26.77 18.73 -18.52
N SER A 42 26.39 19.90 -19.04
CA SER A 42 26.95 21.18 -18.59
C SER A 42 26.13 21.73 -17.43
N ARG A 43 26.65 22.76 -16.75
CA ARG A 43 25.89 23.50 -15.72
C ARG A 43 24.53 23.98 -16.25
N GLU A 44 24.52 24.48 -17.49
CA GLU A 44 23.28 24.92 -18.09
C GLU A 44 22.31 23.75 -18.19
N ASP A 45 22.83 22.57 -18.53
CA ASP A 45 21.98 21.39 -18.65
C ASP A 45 21.37 21.01 -17.29
N VAL A 46 22.17 21.14 -16.23
CA VAL A 46 21.66 20.91 -14.88
C VAL A 46 20.53 21.89 -14.59
N GLU A 47 20.74 23.13 -15.01
CA GLU A 47 19.77 24.19 -14.77
C GLU A 47 18.47 23.87 -15.51
N ARG A 48 18.62 23.46 -16.77
CA ARG A 48 17.49 22.99 -17.56
C ARG A 48 16.73 21.83 -16.90
N ALA A 49 17.49 20.88 -16.37
CA ALA A 49 16.90 19.68 -15.74
C ALA A 49 16.12 20.02 -14.48
N VAL A 50 16.61 21.00 -13.71
CA VAL A 50 15.93 21.47 -12.51
C VAL A 50 14.61 22.17 -12.84
N GLN A 51 14.64 23.07 -13.81
N GLN A 51 14.65 23.09 -13.81
CA GLN A 51 13.41 23.77 -14.19
CA GLN A 51 13.46 23.79 -14.28
C GLN A 51 12.39 22.80 -14.76
C GLN A 51 12.42 22.79 -14.72
N SER A 52 12.86 21.81 -15.52
CA SER A 52 11.98 20.79 -16.04
C SER A 52 11.36 19.99 -14.87
N ALA A 53 12.20 19.69 -13.88
CA ALA A 53 11.77 18.92 -12.71
C ALA A 53 10.76 19.71 -11.87
N VAL A 54 11.04 20.99 -11.64
CA VAL A 54 10.12 21.84 -10.86
C VAL A 54 8.74 21.84 -11.49
N GLU A 55 8.67 21.93 -12.82
CA GLU A 55 7.39 21.92 -13.51
C GLU A 55 6.73 20.53 -13.50
N GLY A 56 7.51 19.49 -13.71
CA GLY A 56 6.96 18.14 -13.69
C GLY A 56 6.35 17.82 -12.35
N GLN A 57 7.07 18.19 -11.29
CA GLN A 57 6.67 17.86 -9.94
C GLN A 57 5.30 18.45 -9.58
N LYS A 58 5.04 19.67 -10.07
CA LYS A 58 3.76 20.31 -9.82
C LYS A 58 2.60 19.55 -10.46
N VAL A 59 2.82 19.07 -11.68
CA VAL A 59 1.81 18.25 -12.36
C VAL A 59 1.58 16.92 -11.64
N TRP A 60 2.67 16.24 -11.34
CA TRP A 60 2.66 14.95 -10.62
C TRP A 60 1.99 15.06 -9.25
N ALA A 61 2.38 16.06 -8.49
CA ALA A 61 1.83 16.29 -7.14
C ALA A 61 0.34 16.65 -7.17
N ALA A 62 -0.10 17.25 -8.28
CA ALA A 62 -1.49 17.67 -8.43
C ALA A 62 -2.42 16.50 -8.72
N MET A 63 -1.88 15.38 -9.19
CA MET A 63 -2.70 14.20 -9.37
C MET A 63 -3.06 13.61 -8.02
N THR A 64 -4.04 12.72 -8.00
CA THR A 64 -4.41 12.02 -6.77
C THR A 64 -3.47 10.85 -6.53
N ALA A 65 -3.39 10.43 -5.27
CA ALA A 65 -2.59 9.29 -4.85
C ALA A 65 -2.77 8.08 -5.76
N MET A 66 -4.03 7.75 -6.03
CA MET A 66 -4.33 6.55 -6.79
C MET A 66 -3.92 6.71 -8.26
N GLN A 67 -3.93 7.96 -8.73
CA GLN A 67 -3.48 8.23 -10.09
C GLN A 67 -1.99 7.99 -10.21
N ARG A 68 -1.25 8.43 -9.21
CA ARG A 68 0.18 8.19 -9.19
C ARG A 68 0.42 6.69 -9.11
N SER A 69 -0.33 6.05 -8.21
CA SER A 69 -0.23 4.61 -7.98
C SER A 69 -0.40 3.80 -9.28
N ARG A 70 -1.43 4.13 -10.04
CA ARG A 70 -1.74 3.41 -11.27
C ARG A 70 -0.62 3.56 -12.28
N ILE A 71 -0.08 4.78 -12.37
CA ILE A 71 1.00 5.09 -13.30
C ILE A 71 2.29 4.34 -12.94
N LEU A 72 2.64 4.29 -11.67
CA LEU A 72 3.82 3.53 -11.25
C LEU A 72 3.63 2.04 -11.51
N ARG A 73 2.42 1.54 -11.26
CA ARG A 73 2.12 0.13 -11.54
C ARG A 73 2.34 -0.20 -13.03
N ARG A 74 1.95 0.71 -13.90
CA ARG A 74 2.12 0.55 -15.33
C ARG A 74 3.62 0.44 -15.65
N ALA A 75 4.42 1.28 -14.99
CA ALA A 75 5.87 1.19 -15.11
C ALA A 75 6.37 -0.21 -14.69
N VAL A 76 5.82 -0.74 -13.60
CA VAL A 76 6.20 -2.08 -13.14
C VAL A 76 5.95 -3.12 -14.23
N ASP A 77 4.77 -3.04 -14.83
CA ASP A 77 4.38 -3.96 -15.90
C ASP A 77 5.36 -3.93 -17.07
N ILE A 78 5.74 -2.71 -17.45
CA ILE A 78 6.64 -2.53 -18.55
C ILE A 78 8.01 -3.12 -18.20
N LEU A 79 8.49 -2.85 -16.98
CA LEU A 79 9.74 -3.46 -16.51
C LEU A 79 9.68 -4.99 -16.49
N ARG A 80 8.53 -5.55 -16.11
CA ARG A 80 8.38 -7.01 -16.13
C ARG A 80 8.52 -7.56 -17.56
N GLU A 81 7.86 -6.89 -18.52
CA GLU A 81 7.94 -7.28 -19.93
C GLU A 81 9.35 -7.13 -20.49
N ARG A 82 10.01 -6.03 -20.15
CA ARG A 82 11.33 -5.72 -20.73
C ARG A 82 12.49 -6.23 -19.87
N ASN A 83 12.18 -7.11 -18.92
CA ASN A 83 13.17 -7.64 -17.98
C ASN A 83 14.42 -8.19 -18.70
N ASP A 84 14.20 -8.97 -19.74
CA ASP A 84 15.31 -9.62 -20.42
C ASP A 84 16.16 -8.67 -21.25
N GLU A 85 15.52 -7.75 -21.96
CA GLU A 85 16.25 -6.72 -22.70
C GLU A 85 17.09 -5.90 -21.74
N LEU A 86 16.48 -5.50 -20.62
CA LEU A 86 17.19 -4.69 -19.64
C LEU A 86 18.36 -5.43 -19.01
N ALA A 87 18.12 -6.68 -18.62
CA ALA A 87 19.18 -7.53 -18.06
C ALA A 87 20.37 -7.62 -19.00
N ALA A 88 20.08 -7.81 -20.27
CA ALA A 88 21.12 -7.99 -21.28
C ALA A 88 21.95 -6.71 -21.42
N LEU A 89 21.27 -5.57 -21.49
CA LEU A 89 21.96 -4.28 -21.46
C LEU A 89 22.81 -4.06 -20.20
N GLU A 90 22.28 -4.42 -19.04
CA GLU A 90 22.99 -4.23 -17.79
C GLU A 90 24.23 -5.12 -17.75
N THR A 91 24.10 -6.32 -18.31
CA THR A 91 25.23 -7.25 -18.39
C THR A 91 26.36 -6.66 -19.25
N LEU A 92 25.99 -6.02 -20.36
CA LEU A 92 26.96 -5.33 -21.20
C LEU A 92 27.67 -4.21 -20.45
N ASP A 93 26.91 -3.44 -19.67
CA ASP A 93 27.49 -2.25 -19.04
C ASP A 93 28.32 -2.56 -17.78
N THR A 94 27.94 -3.60 -17.05
CA THR A 94 28.58 -3.89 -15.76
C THR A 94 29.49 -5.09 -15.79
N GLY A 95 29.25 -5.99 -16.74
CA GLY A 95 30.00 -7.23 -16.79
C GLY A 95 29.39 -8.31 -15.91
N LYS A 96 28.31 -8.01 -15.21
CA LYS A 96 27.68 -9.02 -14.37
C LYS A 96 26.99 -10.10 -15.20
N PRO A 97 27.05 -11.36 -14.74
CA PRO A 97 26.47 -12.49 -15.48
C PRO A 97 25.00 -12.31 -15.77
N LEU A 98 24.61 -12.67 -16.98
CA LEU A 98 23.23 -12.60 -17.42
C LEU A 98 22.33 -13.39 -16.46
N ALA A 99 22.86 -14.47 -15.89
CA ALA A 99 22.11 -15.25 -14.90
C ALA A 99 21.75 -14.43 -13.66
N GLU A 100 22.57 -13.43 -13.33
CA GLU A 100 22.25 -12.55 -12.21
C GLU A 100 21.30 -11.43 -12.64
N THR A 101 21.64 -10.77 -13.74
CA THR A 101 20.88 -9.63 -14.19
C THR A 101 19.45 -10.01 -14.58
N ARG A 102 19.26 -11.21 -15.14
CA ARG A 102 17.91 -11.65 -15.53
C ARG A 102 17.02 -11.95 -14.34
N SER A 103 17.62 -12.31 -13.21
CA SER A 103 16.83 -12.78 -12.07
C SER A 103 16.89 -11.88 -10.84
N VAL A 104 17.85 -10.96 -10.80
CA VAL A 104 18.01 -10.08 -9.65
C VAL A 104 17.71 -8.60 -9.93
N ASP A 105 18.54 -7.99 -10.78
CA ASP A 105 18.55 -6.52 -10.94
C ASP A 105 17.22 -5.88 -11.26
N ILE A 106 16.58 -6.28 -12.36
CA ILE A 106 15.32 -5.65 -12.73
C ILE A 106 14.19 -6.17 -11.85
N VAL A 107 14.25 -7.47 -11.54
CA VAL A 107 13.20 -8.10 -10.73
C VAL A 107 13.06 -7.38 -9.39
N THR A 108 14.19 -7.17 -8.71
CA THR A 108 14.14 -6.57 -7.38
C THR A 108 13.98 -5.05 -7.44
N GLY A 109 14.45 -4.44 -8.52
CA GLY A 109 14.20 -3.03 -8.76
C GLY A 109 12.71 -2.79 -8.91
N ALA A 110 12.09 -3.57 -9.80
CA ALA A 110 10.65 -3.47 -10.05
C ALA A 110 9.84 -3.85 -8.81
N ASP A 111 10.29 -4.86 -8.07
CA ASP A 111 9.67 -5.25 -6.81
C ASP A 111 9.49 -4.07 -5.89
N VAL A 112 10.53 -3.24 -5.79
CA VAL A 112 10.46 -2.10 -4.87
C VAL A 112 9.51 -1.03 -5.40
N LEU A 113 9.56 -0.80 -6.70
CA LEU A 113 8.63 0.14 -7.33
C LEU A 113 7.19 -0.33 -7.13
N GLU A 114 6.97 -1.65 -7.23
CA GLU A 114 5.64 -2.23 -7.10
C GLU A 114 5.14 -2.02 -5.68
N TYR A 115 6.05 -2.21 -4.72
CA TYR A 115 5.71 -2.03 -3.31
C TYR A 115 5.26 -0.60 -3.03
N TYR A 116 6.05 0.37 -3.48
CA TYR A 116 5.72 1.76 -3.19
C TYR A 116 4.49 2.26 -3.94
N ALA A 117 4.30 1.76 -5.17
CA ALA A 117 3.10 2.12 -5.95
C ALA A 117 1.84 1.81 -5.15
N GLY A 118 1.85 0.71 -4.41
CA GLY A 118 0.68 0.33 -3.62
C GLY A 118 0.50 1.20 -2.37
N LEU A 119 1.59 1.82 -1.93
CA LEU A 119 1.59 2.57 -0.67
C LEU A 119 1.23 4.04 -0.79
N VAL A 120 1.24 4.59 -2.00
CA VAL A 120 0.92 6.01 -2.19
C VAL A 120 -0.31 6.52 -1.40
N PRO A 121 -1.45 5.79 -1.44
CA PRO A 121 -2.62 6.29 -0.67
C PRO A 121 -2.51 6.12 0.84
N ALA A 122 -1.44 5.52 1.31
CA ALA A 122 -1.29 5.26 2.73
C ALA A 122 -0.45 6.32 3.44
N ILE A 123 0.12 7.25 2.68
CA ILE A 123 0.92 8.32 3.27
C ILE A 123 0.01 9.29 4.03
N GLU A 124 0.20 9.37 5.35
CA GLU A 124 -0.72 10.10 6.21
C GLU A 124 -0.01 10.98 7.23
N GLY A 125 -0.64 12.10 7.57
CA GLY A 125 -0.20 12.93 8.67
C GLY A 125 -0.83 12.51 9.99
N GLU A 126 -0.59 13.31 11.03
CA GLU A 126 -1.16 13.07 12.35
C GLU A 126 -2.22 14.13 12.64
N GLN A 127 -3.04 13.88 13.65
CA GLN A 127 -3.93 14.90 14.18
C GLN A 127 -3.84 14.81 15.69
N ILE A 128 -3.58 15.95 16.33
CA ILE A 128 -3.41 15.99 17.78
C ILE A 128 -4.32 17.02 18.42
N PRO A 129 -5.23 16.57 19.29
CA PRO A 129 -6.06 17.55 20.02
C PRO A 129 -5.29 18.17 21.21
N LEU A 130 -5.31 19.49 21.29
CA LEU A 130 -4.63 20.21 22.36
C LEU A 130 -5.63 20.56 23.48
N ARG A 131 -6.79 21.04 23.07
CA ARG A 131 -7.84 21.49 23.97
C ARG A 131 -9.07 21.72 23.10
N GLU A 132 -10.20 22.08 23.70
CA GLU A 132 -11.45 22.18 22.93
C GLU A 132 -11.40 23.21 21.80
N THR A 133 -10.54 24.22 21.97
CA THR A 133 -10.47 25.36 21.06
C THR A 133 -9.20 25.39 20.21
N SER A 134 -8.45 24.30 20.23
CA SER A 134 -7.25 24.18 19.38
C SER A 134 -6.83 22.75 19.11
N PHE A 135 -6.52 22.47 17.85
CA PHE A 135 -5.91 21.18 17.52
C PHE A 135 -4.83 21.36 16.47
N VAL A 136 -4.02 20.32 16.33
CA VAL A 136 -2.94 20.30 15.35
C VAL A 136 -3.19 19.18 14.36
N TYR A 137 -2.92 19.42 13.08
CA TYR A 137 -2.74 18.31 12.17
C TYR A 137 -1.43 18.48 11.37
N THR A 138 -0.79 17.38 11.03
CA THR A 138 0.40 17.47 10.19
C THR A 138 0.08 17.05 8.79
N ARG A 139 0.87 17.57 7.86
CA ARG A 139 0.84 17.12 6.49
C ARG A 139 2.21 16.55 6.13
N ARG A 140 2.20 15.48 5.36
CA ARG A 140 3.43 15.01 4.76
C ARG A 140 3.41 15.47 3.32
N GLU A 141 4.21 16.50 3.05
CA GLU A 141 4.22 17.16 1.76
C GLU A 141 5.45 16.65 1.01
N PRO A 142 5.40 16.69 -0.33
CA PRO A 142 6.57 16.30 -1.13
C PRO A 142 7.77 17.20 -0.80
N LEU A 143 8.98 16.70 -0.98
CA LEU A 143 10.16 17.54 -0.78
C LEU A 143 10.25 18.53 -1.94
N GLY A 144 9.80 18.08 -3.12
CA GLY A 144 9.88 18.88 -4.32
C GLY A 144 10.75 18.21 -5.38
N VAL A 145 11.88 18.82 -5.67
CA VAL A 145 12.85 18.22 -6.57
C VAL A 145 13.98 17.57 -5.78
N VAL A 146 14.26 16.31 -6.08
CA VAL A 146 15.36 15.60 -5.43
C VAL A 146 16.31 15.06 -6.48
N ALA A 147 17.52 14.72 -6.06
CA ALA A 147 18.51 14.14 -6.97
C ALA A 147 19.01 12.80 -6.42
N GLY A 148 19.11 11.83 -7.31
CA GLY A 148 19.70 10.54 -6.98
C GLY A 148 21.01 10.36 -7.73
N ILE A 149 22.06 9.98 -7.01
CA ILE A 149 23.35 9.73 -7.62
C ILE A 149 23.71 8.25 -7.48
N GLY A 150 23.78 7.55 -8.60
CA GLY A 150 23.94 6.11 -8.57
C GLY A 150 25.35 5.55 -8.59
N ALA A 151 25.45 4.26 -8.26
CA ALA A 151 26.71 3.55 -8.27
C ALA A 151 26.72 2.56 -9.43
N TRP A 152 27.88 1.99 -9.72
CA TRP A 152 28.02 1.19 -10.91
C TRP A 152 27.76 -0.30 -10.74
N ASN A 153 27.59 -0.78 -9.51
CA ASN A 153 27.45 -2.24 -9.32
C ASN A 153 26.03 -2.77 -9.53
N TYR A 154 25.03 -1.96 -9.17
CA TYR A 154 23.64 -2.33 -9.45
C TYR A 154 22.89 -1.14 -10.04
N PRO A 155 23.28 -0.71 -11.26
CA PRO A 155 22.84 0.58 -11.82
C PRO A 155 21.33 0.78 -11.88
N VAL A 156 20.61 -0.11 -12.54
CA VAL A 156 19.18 0.11 -12.72
C VAL A 156 18.42 -0.14 -11.43
N GLN A 157 18.87 -1.15 -10.67
CA GLN A 157 18.25 -1.43 -9.38
C GLN A 157 18.32 -0.22 -8.48
N ILE A 158 19.51 0.37 -8.40
CA ILE A 158 19.72 1.54 -7.55
C ILE A 158 18.88 2.72 -8.06
N ALA A 159 18.79 2.88 -9.38
CA ALA A 159 17.93 3.92 -9.94
C ALA A 159 16.48 3.69 -9.53
N LEU A 160 16.10 2.43 -9.45
CA LEU A 160 14.72 2.08 -9.10
C LEU A 160 14.44 2.25 -7.60
N TRP A 161 15.38 1.84 -6.74
CA TRP A 161 15.20 1.92 -5.30
C TRP A 161 15.21 3.35 -4.82
N LYS A 162 15.89 4.22 -5.56
CA LYS A 162 15.89 5.65 -5.23
C LYS A 162 14.67 6.35 -5.81
N SER A 163 14.36 6.08 -7.08
CA SER A 163 13.29 6.83 -7.72
C SER A 163 11.90 6.39 -7.26
N ALA A 164 11.79 5.11 -6.90
CA ALA A 164 10.45 4.58 -6.53
C ALA A 164 9.84 5.35 -5.35
N PRO A 165 10.51 5.38 -4.17
CA PRO A 165 9.87 6.14 -3.09
C PRO A 165 9.81 7.65 -3.38
N ALA A 166 10.82 8.17 -4.08
CA ALA A 166 10.84 9.58 -4.44
C ALA A 166 9.57 9.94 -5.19
N LEU A 167 9.28 9.16 -6.23
CA LEU A 167 8.12 9.46 -7.09
C LEU A 167 6.81 9.11 -6.38
N ALA A 168 6.82 8.01 -5.63
CA ALA A 168 5.63 7.61 -4.88
C ALA A 168 5.17 8.72 -3.92
N ALA A 169 6.14 9.42 -3.31
CA ALA A 169 5.85 10.52 -2.39
C ALA A 169 5.53 11.86 -3.08
N GLY A 170 5.44 11.88 -4.41
CA GLY A 170 5.06 13.09 -5.14
C GLY A 170 6.21 14.02 -5.53
N ASN A 171 7.44 13.52 -5.48
CA ASN A 171 8.60 14.32 -5.90
C ASN A 171 8.94 14.08 -7.35
N ALA A 172 9.77 14.98 -7.89
CA ALA A 172 10.49 14.70 -9.13
C ALA A 172 11.95 14.38 -8.77
N MET A 173 12.55 13.47 -9.52
CA MET A 173 13.95 13.11 -9.28
C MET A 173 14.84 13.33 -10.50
N ILE A 174 15.95 14.00 -10.32
CA ILE A 174 16.99 14.07 -11.35
C ILE A 174 18.04 13.01 -10.96
N PHE A 175 18.29 12.07 -11.85
CA PHE A 175 19.17 10.94 -11.51
C PHE A 175 20.46 11.03 -12.31
N LYS A 176 21.59 10.89 -11.63
CA LYS A 176 22.87 10.80 -12.32
C LYS A 176 23.51 9.43 -12.11
N PRO A 177 23.51 8.61 -13.16
CA PRO A 177 24.15 7.29 -13.05
C PRO A 177 25.64 7.46 -12.96
N SER A 178 26.33 6.44 -12.44
CA SER A 178 27.77 6.40 -12.46
C SER A 178 28.23 6.53 -13.91
N GLU A 179 29.31 7.25 -14.11
N GLU A 179 29.32 7.25 -14.15
CA GLU A 179 29.91 7.39 -15.44
CA GLU A 179 29.81 7.35 -15.53
C GLU A 179 30.36 6.03 -15.97
C GLU A 179 30.37 6.02 -15.99
N VAL A 180 30.54 5.07 -15.07
CA VAL A 180 30.95 3.73 -15.45
C VAL A 180 29.80 2.93 -16.07
N THR A 181 28.56 3.27 -15.67
CA THR A 181 27.39 2.51 -16.11
C THR A 181 26.17 3.39 -16.35
N PRO A 182 26.20 4.22 -17.41
CA PRO A 182 25.11 5.18 -17.62
C PRO A 182 23.94 4.65 -18.42
N LEU A 183 24.05 3.45 -18.98
CA LEU A 183 23.11 2.99 -20.01
C LEU A 183 21.68 2.69 -19.57
N THR A 184 21.51 1.91 -18.51
CA THR A 184 20.17 1.48 -18.12
C THR A 184 19.30 2.58 -17.51
N ALA A 185 19.94 3.56 -16.86
CA ALA A 185 19.20 4.68 -16.27
C ALA A 185 18.42 5.44 -17.34
N LEU A 186 19.03 5.60 -18.52
CA LEU A 186 18.37 6.24 -19.66
C LEU A 186 17.19 5.41 -20.15
N LYS A 187 17.32 4.09 -20.08
CA LYS A 187 16.21 3.21 -20.43
C LYS A 187 15.03 3.37 -19.45
N LEU A 188 15.35 3.42 -18.16
CA LEU A 188 14.31 3.59 -17.14
C LEU A 188 13.51 4.88 -17.37
N ALA A 189 14.19 5.92 -17.86
CA ALA A 189 13.53 7.21 -18.05
C ALA A 189 12.49 7.11 -19.18
N GLU A 190 12.84 6.37 -20.23
CA GLU A 190 11.93 6.12 -21.36
C GLU A 190 10.70 5.38 -20.85
N ILE A 191 10.97 4.38 -20.00
CA ILE A 191 9.92 3.53 -19.44
C ILE A 191 8.94 4.32 -18.55
N TYR A 192 9.46 5.13 -17.63
CA TYR A 192 8.61 6.01 -16.84
C TYR A 192 7.69 6.86 -17.72
N THR A 193 8.29 7.53 -18.71
CA THR A 193 7.54 8.37 -19.64
C THR A 193 6.47 7.55 -20.37
N GLU A 194 6.87 6.35 -20.79
CA GLU A 194 5.98 5.48 -21.53
C GLU A 194 4.82 5.04 -20.65
N ALA A 195 5.03 5.03 -19.34
CA ALA A 195 4.03 4.57 -18.39
C ALA A 195 3.05 5.68 -18.01
N GLY A 196 3.37 6.92 -18.39
CA GLY A 196 2.49 8.03 -18.09
C GLY A 196 3.03 8.99 -17.03
N VAL A 197 4.28 8.80 -16.63
CA VAL A 197 4.90 9.75 -15.71
C VAL A 197 5.10 11.04 -16.47
N PRO A 198 4.64 12.16 -15.89
CA PRO A 198 4.72 13.47 -16.55
C PRO A 198 6.16 13.87 -16.86
N ASP A 199 6.33 14.60 -17.96
CA ASP A 199 7.62 15.12 -18.36
C ASP A 199 8.27 15.91 -17.24
N GLY A 200 9.56 15.66 -17.00
CA GLY A 200 10.31 16.38 -15.98
C GLY A 200 10.38 15.69 -14.63
N VAL A 201 9.56 14.66 -14.44
CA VAL A 201 9.45 14.02 -13.12
C VAL A 201 10.61 13.07 -12.87
N PHE A 202 11.07 12.40 -13.93
CA PHE A 202 12.31 11.62 -13.85
C PHE A 202 13.23 12.02 -15.01
N ASN A 203 14.25 12.81 -14.69
CA ASN A 203 15.20 13.25 -15.70
C ASN A 203 16.53 12.59 -15.40
N VAL A 204 17.28 12.26 -16.46
CA VAL A 204 18.60 11.68 -16.29
C VAL A 204 19.70 12.55 -16.88
N LEU A 205 20.68 12.90 -16.05
CA LEU A 205 21.87 13.62 -16.50
C LEU A 205 23.10 12.70 -16.44
N THR A 206 23.86 12.64 -17.52
CA THR A 206 25.09 11.87 -17.55
C THR A 206 26.31 12.79 -17.43
N GLY A 207 27.42 12.24 -16.94
CA GLY A 207 28.61 13.03 -16.69
C GLY A 207 29.34 12.54 -15.45
N SER A 208 30.34 13.30 -15.01
CA SER A 208 31.19 12.83 -13.91
C SER A 208 30.72 13.36 -12.57
N GLY A 209 31.25 12.75 -11.51
CA GLY A 209 30.94 13.18 -10.17
C GLY A 209 31.55 14.55 -9.87
N ARG A 210 32.73 14.78 -10.40
CA ARG A 210 33.45 16.02 -10.16
C ARG A 210 32.69 17.22 -10.76
N GLU A 211 31.94 16.98 -11.83
CA GLU A 211 31.20 18.05 -12.50
C GLU A 211 29.70 18.01 -12.18
N VAL A 212 28.97 17.22 -12.97
CA VAL A 212 27.53 17.07 -12.90
C VAL A 212 27.02 16.71 -11.50
N GLY A 213 27.67 15.74 -10.87
CA GLY A 213 27.28 15.29 -9.54
C GLY A 213 27.46 16.40 -8.52
N GLN A 214 28.60 17.08 -8.61
CA GLN A 214 28.90 18.23 -7.77
C GLN A 214 27.83 19.31 -7.95
N TRP A 215 27.49 19.59 -9.21
CA TRP A 215 26.55 20.66 -9.53
C TRP A 215 25.17 20.37 -8.97
N LEU A 216 24.77 19.09 -9.02
CA LEU A 216 23.51 18.65 -8.42
C LEU A 216 23.52 18.81 -6.90
N THR A 217 24.64 18.50 -6.23
CA THR A 217 24.66 18.62 -4.79
C THR A 217 24.69 20.08 -4.37
N GLU A 218 25.09 20.95 -5.29
CA GLU A 218 25.27 22.36 -4.94
C GLU A 218 24.03 23.17 -5.28
N HIS A 219 23.17 22.63 -6.12
CA HIS A 219 22.06 23.40 -6.61
C HIS A 219 21.08 23.81 -5.52
N PRO A 220 20.75 25.10 -5.45
CA PRO A 220 19.88 25.61 -4.37
C PRO A 220 18.40 25.21 -4.50
N LEU A 221 17.99 24.65 -5.64
CA LEU A 221 16.57 24.28 -5.80
C LEU A 221 16.29 22.80 -5.56
N ILE A 222 17.35 22.00 -5.47
CA ILE A 222 17.21 20.58 -5.13
C ILE A 222 17.11 20.41 -3.59
N GLU A 223 16.09 19.70 -3.13
CA GLU A 223 15.82 19.57 -1.70
C GLU A 223 16.57 18.42 -1.00
N LYS A 224 16.89 17.37 -1.75
CA LYS A 224 17.49 16.18 -1.16
C LYS A 224 18.42 15.48 -2.14
N ILE A 225 19.52 14.92 -1.63
CA ILE A 225 20.41 14.10 -2.44
C ILE A 225 20.38 12.68 -1.88
N SER A 226 20.12 11.69 -2.72
CA SER A 226 20.25 10.32 -2.28
C SER A 226 21.44 9.72 -3.00
N PHE A 227 22.41 9.25 -2.24
CA PHE A 227 23.69 8.83 -2.79
C PHE A 227 24.04 7.41 -2.41
N THR A 228 24.48 6.65 -3.40
CA THR A 228 25.01 5.32 -3.17
C THR A 228 26.41 5.23 -3.76
N GLY A 229 27.39 4.81 -2.95
CA GLY A 229 28.76 4.70 -3.42
C GLY A 229 29.76 4.56 -2.29
N GLY A 230 31.01 4.92 -2.56
CA GLY A 230 32.07 4.80 -1.57
C GLY A 230 31.95 5.79 -0.41
N THR A 231 32.49 5.39 0.74
CA THR A 231 32.40 6.19 1.96
C THR A 231 33.11 7.54 1.82
N SER A 232 34.31 7.53 1.23
CA SER A 232 35.07 8.75 1.03
C SER A 232 34.33 9.76 0.17
N THR A 233 33.80 9.29 -0.96
CA THR A 233 33.00 10.12 -1.84
C THR A 233 31.72 10.57 -1.14
N GLY A 234 31.12 9.66 -0.38
CA GLY A 234 29.92 9.95 0.38
C GLY A 234 30.09 11.18 1.26
N LYS A 235 31.18 11.22 2.01
CA LYS A 235 31.50 12.37 2.87
C LYS A 235 31.58 13.69 2.09
N LYS A 236 32.23 13.66 0.93
CA LYS A 236 32.35 14.86 0.10
C LYS A 236 30.98 15.28 -0.41
N VAL A 237 30.22 14.31 -0.93
CA VAL A 237 28.87 14.59 -1.41
C VAL A 237 27.98 15.17 -0.29
N MET A 238 27.96 14.51 0.85
CA MET A 238 27.15 14.96 1.96
C MET A 238 27.56 16.35 2.48
N ALA A 239 28.86 16.64 2.44
CA ALA A 239 29.32 17.96 2.86
C ALA A 239 28.92 19.07 1.88
N SER A 240 28.93 18.75 0.60
CA SER A 240 28.57 19.73 -0.42
C SER A 240 27.05 19.98 -0.41
N ALA A 241 26.28 18.92 -0.24
CA ALA A 241 24.82 19.04 -0.10
C ALA A 241 24.45 19.88 1.12
N SER A 242 25.22 19.68 2.19
CA SER A 242 24.99 20.36 3.47
C SER A 242 25.29 21.84 3.40
N SER A 243 26.51 22.16 2.98
CA SER A 243 27.00 23.52 3.09
C SER A 243 26.43 24.45 2.01
N SER A 244 25.98 23.87 0.90
CA SER A 244 25.41 24.66 -0.19
C SER A 244 24.03 25.24 0.17
N SER A 245 23.09 24.39 0.58
CA SER A 245 21.72 24.88 0.82
C SER A 245 20.99 24.02 1.83
N LEU A 246 21.73 23.30 2.66
CA LEU A 246 21.14 22.55 3.75
C LEU A 246 20.15 21.49 3.25
N LYS A 247 20.59 20.66 2.31
CA LYS A 247 19.73 19.61 1.77
C LYS A 247 19.58 18.42 2.72
N GLU A 248 18.44 17.73 2.68
CA GLU A 248 18.33 16.41 3.30
C GLU A 248 19.21 15.43 2.50
N VAL A 249 19.71 14.38 3.16
N VAL A 249 19.61 14.34 3.14
CA VAL A 249 20.56 13.43 2.46
CA VAL A 249 20.58 13.43 2.55
C VAL A 249 20.25 11.97 2.83
C VAL A 249 20.32 11.96 2.87
N THR A 250 20.44 11.09 1.86
CA THR A 250 20.50 9.65 2.11
C THR A 250 21.83 9.15 1.57
N MET A 251 22.57 8.42 2.40
CA MET A 251 23.86 7.87 2.00
C MET A 251 23.86 6.37 2.23
N GLU A 252 24.03 5.63 1.15
CA GLU A 252 24.23 4.18 1.24
C GLU A 252 25.69 3.95 0.84
N LEU A 253 26.55 3.70 1.83
CA LEU A 253 27.99 3.65 1.59
C LEU A 253 28.57 2.23 1.65
N GLY A 254 29.90 2.12 1.78
CA GLY A 254 30.53 0.82 1.75
C GLY A 254 30.58 0.18 3.11
N GLY A 255 31.19 -1.00 3.18
CA GLY A 255 31.28 -1.73 4.44
C GLY A 255 32.46 -2.69 4.52
N LYS A 256 32.65 -3.26 5.69
CA LYS A 256 33.54 -4.40 5.86
C LYS A 256 32.78 -5.36 6.78
N SER A 257 31.64 -5.83 6.28
CA SER A 257 30.66 -6.53 7.09
C SER A 257 31.15 -7.89 7.59
N PRO A 258 30.96 -8.16 8.90
CA PRO A 258 31.41 -9.41 9.50
C PRO A 258 30.36 -10.52 9.36
N LEU A 259 30.83 -11.74 9.10
CA LEU A 259 29.97 -12.93 9.14
C LEU A 259 30.52 -13.83 10.23
N ILE A 260 29.74 -14.02 11.29
CA ILE A 260 30.23 -14.86 12.39
C ILE A 260 29.65 -16.26 12.35
N ILE A 261 30.52 -17.25 12.18
N ILE A 261 30.53 -17.24 12.17
CA ILE A 261 30.08 -18.64 12.20
CA ILE A 261 30.14 -18.64 12.20
C ILE A 261 30.35 -19.21 13.58
C ILE A 261 30.37 -19.16 13.62
N PHE A 262 29.28 -19.50 14.30
CA PHE A 262 29.37 -19.99 15.67
C PHE A 262 29.62 -21.50 15.67
N PRO A 263 30.20 -22.02 16.78
CA PRO A 263 30.63 -23.43 16.77
C PRO A 263 29.49 -24.41 16.53
N ASP A 264 28.24 -24.01 16.77
CA ASP A 264 27.10 -24.89 16.52
C ASP A 264 26.46 -24.70 15.15
N ALA A 265 27.19 -24.11 14.21
CA ALA A 265 26.64 -23.87 12.87
C ALA A 265 26.67 -25.13 12.01
N ASP A 266 25.70 -25.25 11.12
CA ASP A 266 25.84 -26.18 10.01
C ASP A 266 26.94 -25.57 9.11
N LEU A 267 28.06 -26.29 8.97
CA LEU A 267 29.21 -25.80 8.20
C LEU A 267 28.97 -25.83 6.70
N ASP A 268 28.05 -26.67 6.24
CA ASP A 268 27.70 -26.63 4.82
C ASP A 268 26.91 -25.38 4.52
N ARG A 269 26.00 -25.02 5.42
CA ARG A 269 25.24 -23.77 5.26
C ARG A 269 26.19 -22.59 5.42
N ALA A 270 27.08 -22.69 6.40
CA ALA A 270 28.03 -21.63 6.69
C ALA A 270 28.92 -21.36 5.47
N ALA A 271 29.39 -22.42 4.84
CA ALA A 271 30.24 -22.28 3.66
C ALA A 271 29.43 -21.73 2.47
N ASP A 272 28.17 -22.16 2.35
CA ASP A 272 27.32 -21.64 1.28
C ASP A 272 27.10 -20.16 1.51
N ILE A 273 26.84 -19.79 2.76
CA ILE A 273 26.57 -18.40 3.12
C ILE A 273 27.80 -17.54 2.85
N ALA A 274 28.95 -18.01 3.33
CA ALA A 274 30.21 -17.28 3.15
C ALA A 274 30.57 -17.04 1.67
N VAL A 275 30.32 -18.02 0.81
N VAL A 275 30.30 -18.03 0.84
CA VAL A 275 30.71 -17.84 -0.60
CA VAL A 275 30.66 -17.95 -0.58
C VAL A 275 29.71 -16.96 -1.34
C VAL A 275 29.72 -16.98 -1.30
N MET A 276 28.43 -17.11 -1.01
CA MET A 276 27.43 -16.18 -1.54
C MET A 276 27.73 -14.78 -1.05
N ALA A 277 28.13 -14.66 0.21
CA ALA A 277 28.40 -13.35 0.79
C ALA A 277 29.70 -12.75 0.28
N ASN A 278 30.47 -13.49 -0.52
CA ASN A 278 31.72 -12.93 -1.01
C ASN A 278 31.91 -12.89 -2.53
N PHE A 279 31.18 -13.74 -3.25
CA PHE A 279 31.52 -13.96 -4.65
C PHE A 279 30.37 -13.66 -5.63
N PHE A 280 29.18 -13.45 -5.09
CA PHE A 280 28.08 -12.99 -5.92
C PHE A 280 28.44 -11.62 -6.51
N SER A 281 27.97 -11.38 -7.73
CA SER A 281 28.39 -10.22 -8.55
C SER A 281 29.92 -9.99 -8.51
N SER A 282 30.66 -11.09 -8.51
CA SER A 282 32.12 -11.10 -8.42
C SER A 282 32.62 -10.30 -7.23
N GLY A 283 31.83 -10.32 -6.15
CA GLY A 283 32.22 -9.64 -4.94
C GLY A 283 32.04 -8.12 -4.98
N GLN A 284 31.21 -7.63 -5.89
CA GLN A 284 30.97 -6.19 -5.98
C GLN A 284 29.61 -5.81 -5.38
N VAL A 285 29.34 -6.32 -4.18
CA VAL A 285 28.12 -6.04 -3.46
C VAL A 285 28.54 -5.36 -2.14
N CYS A 286 27.87 -4.27 -1.81
CA CYS A 286 28.27 -3.48 -0.64
C CYS A 286 28.12 -4.20 0.69
N THR A 287 27.08 -5.03 0.79
CA THR A 287 26.76 -5.72 2.04
C THR A 287 27.55 -7.03 2.18
N ASN A 288 28.55 -7.24 1.33
CA ASN A 288 29.29 -8.51 1.36
C ASN A 288 29.96 -8.80 2.72
N GLY A 289 29.94 -10.06 3.14
CA GLY A 289 30.50 -10.44 4.42
C GLY A 289 31.96 -10.80 4.25
N THR A 290 32.77 -9.77 4.09
CA THR A 290 34.16 -9.97 3.67
C THR A 290 35.10 -10.30 4.83
N ARG A 291 34.58 -10.22 6.05
CA ARG A 291 35.32 -10.67 7.23
C ARG A 291 34.57 -11.86 7.80
N VAL A 292 35.12 -13.05 7.59
CA VAL A 292 34.44 -14.28 8.00
C VAL A 292 35.10 -14.86 9.23
N PHE A 293 34.36 -14.88 10.33
CA PHE A 293 34.88 -15.39 11.59
C PHE A 293 34.51 -16.85 11.82
N ILE A 294 35.54 -17.67 11.94
CA ILE A 294 35.37 -19.10 12.16
C ILE A 294 36.01 -19.48 13.49
N HIS A 295 35.34 -20.35 14.24
CA HIS A 295 35.93 -20.82 15.49
C HIS A 295 37.11 -21.75 15.21
N ARG A 296 38.11 -21.71 16.08
CA ARG A 296 39.35 -22.48 15.89
C ARG A 296 39.10 -23.96 15.65
N SER A 297 38.16 -24.55 16.38
CA SER A 297 37.82 -25.96 16.22
C SER A 297 37.23 -26.28 14.85
N GLN A 298 36.79 -25.27 14.11
CA GLN A 298 36.12 -25.51 12.84
C GLN A 298 36.99 -25.11 11.65
N GLN A 299 38.16 -24.55 11.93
CA GLN A 299 38.93 -23.90 10.88
C GLN A 299 39.21 -24.77 9.66
N ALA A 300 39.92 -25.89 9.87
CA ALA A 300 40.33 -26.78 8.79
C ALA A 300 39.14 -27.23 7.96
N ARG A 301 38.13 -27.72 8.66
CA ARG A 301 36.95 -28.29 8.03
C ARG A 301 36.21 -27.23 7.18
N PHE A 302 36.14 -26.00 7.70
CA PHE A 302 35.41 -24.94 7.03
C PHE A 302 36.14 -24.45 5.78
N GLU A 303 37.47 -24.36 5.87
CA GLU A 303 38.29 -23.97 4.73
C GLU A 303 38.10 -24.97 3.60
N ALA A 304 38.02 -26.25 3.96
CA ALA A 304 37.88 -27.29 2.95
C ALA A 304 36.53 -27.16 2.24
N LYS A 305 35.49 -26.89 3.04
CA LYS A 305 34.14 -26.71 2.49
C LYS A 305 34.03 -25.47 1.60
N VAL A 306 34.73 -24.39 1.99
CA VAL A 306 34.80 -23.21 1.14
C VAL A 306 35.49 -23.52 -0.19
N LEU A 307 36.63 -24.20 -0.09
N LEU A 307 36.64 -24.19 -0.11
CA LEU A 307 37.43 -24.59 -1.25
CA LEU A 307 37.41 -24.58 -1.29
C LEU A 307 36.65 -25.45 -2.26
C LEU A 307 36.61 -25.43 -2.28
N GLU A 308 35.80 -26.34 -1.76
CA GLU A 308 35.00 -27.20 -2.63
C GLU A 308 34.04 -26.36 -3.44
N ARG A 309 33.51 -25.31 -2.83
CA ARG A 309 32.52 -24.48 -3.49
C ARG A 309 33.17 -23.51 -4.47
N VAL A 310 34.28 -22.92 -4.06
CA VAL A 310 35.03 -22.00 -4.92
C VAL A 310 35.51 -22.69 -6.20
N GLN A 311 35.94 -23.95 -6.05
CA GLN A 311 36.46 -24.71 -7.19
C GLN A 311 35.41 -24.98 -8.26
N ARG A 312 34.13 -24.89 -7.90
CA ARG A 312 33.08 -25.20 -8.88
C ARG A 312 32.34 -23.95 -9.34
N ILE A 313 32.94 -22.80 -9.04
CA ILE A 313 32.42 -21.53 -9.50
C ILE A 313 32.69 -21.45 -10.99
N ARG A 314 31.67 -21.08 -11.77
CA ARG A 314 31.79 -21.03 -13.21
C ARG A 314 32.14 -19.63 -13.69
N LEU A 315 33.41 -19.30 -13.54
CA LEU A 315 33.97 -18.06 -14.07
C LEU A 315 33.94 -18.12 -15.61
N GLY A 316 33.48 -17.06 -16.24
CA GLY A 316 33.34 -17.09 -17.69
C GLY A 316 32.73 -15.85 -18.32
N ASP A 317 32.29 -16.03 -19.56
CA ASP A 317 31.69 -14.98 -20.36
C ASP A 317 30.31 -14.68 -19.77
N PRO A 318 30.09 -13.44 -19.31
CA PRO A 318 28.86 -13.11 -18.58
C PRO A 318 27.62 -13.29 -19.44
N GLN A 319 27.80 -13.29 -20.76
CA GLN A 319 26.69 -13.52 -21.69
C GLN A 319 26.31 -14.99 -21.85
N ASP A 320 27.21 -15.88 -21.46
CA ASP A 320 26.89 -17.30 -21.37
C ASP A 320 26.01 -17.53 -20.14
N GLU A 321 24.85 -18.14 -20.35
CA GLU A 321 23.90 -18.34 -19.26
C GLU A 321 24.44 -19.27 -18.17
N ASN A 322 25.48 -20.03 -18.50
CA ASN A 322 26.07 -20.96 -17.53
C ASN A 322 27.09 -20.30 -16.62
N THR A 323 27.46 -19.07 -16.94
CA THR A 323 28.41 -18.33 -16.12
C THR A 323 27.71 -17.87 -14.84
N ASN A 324 28.41 -17.96 -13.70
CA ASN A 324 27.89 -17.40 -12.46
C ASN A 324 28.91 -16.53 -11.76
N PHE A 325 29.97 -16.18 -12.48
CA PHE A 325 31.01 -15.30 -11.96
C PHE A 325 31.68 -14.58 -13.13
N GLY A 326 31.37 -13.30 -13.30
CA GLY A 326 31.88 -12.52 -14.42
C GLY A 326 33.15 -11.76 -14.08
N PRO A 327 33.56 -10.84 -14.97
CA PRO A 327 34.76 -10.03 -14.65
C PRO A 327 34.35 -8.88 -13.73
N LEU A 328 35.31 -8.08 -13.29
CA LEU A 328 34.97 -6.89 -12.52
C LEU A 328 34.48 -5.80 -13.48
N VAL A 329 33.99 -4.70 -12.94
CA VAL A 329 33.28 -3.66 -13.71
C VAL A 329 34.18 -2.84 -14.63
N SER A 330 35.48 -2.80 -14.34
CA SER A 330 36.42 -1.99 -15.09
C SER A 330 37.83 -2.46 -14.80
N PHE A 331 38.76 -2.11 -15.70
CA PHE A 331 40.17 -2.45 -15.52
C PHE A 331 40.83 -1.77 -14.29
N PRO A 332 40.58 -0.46 -14.07
CA PRO A 332 41.17 0.16 -12.86
C PRO A 332 40.64 -0.45 -11.57
N HIS A 333 39.36 -0.83 -11.54
CA HIS A 333 38.84 -1.49 -10.35
C HIS A 333 39.55 -2.82 -10.15
N MET A 334 39.74 -3.55 -11.24
CA MET A 334 40.50 -4.81 -11.20
C MET A 334 41.88 -4.59 -10.57
N GLU A 335 42.59 -3.57 -11.07
CA GLU A 335 43.93 -3.28 -10.58
C GLU A 335 43.95 -2.99 -9.09
N SER A 336 42.98 -2.21 -8.64
CA SER A 336 42.84 -1.92 -7.21
C SER A 336 42.67 -3.21 -6.42
N VAL A 337 41.85 -4.12 -6.94
CA VAL A 337 41.62 -5.39 -6.26
C VAL A 337 42.91 -6.22 -6.24
N LEU A 338 43.67 -6.19 -7.33
CA LEU A 338 44.92 -6.95 -7.41
C LEU A 338 45.96 -6.38 -6.41
N GLY A 339 45.98 -5.06 -6.28
CA GLY A 339 46.82 -4.41 -5.29
C GLY A 339 46.50 -4.90 -3.87
N TYR A 340 45.21 -4.97 -3.55
CA TYR A 340 44.79 -5.46 -2.23
C TYR A 340 45.24 -6.91 -2.03
N ILE A 341 45.01 -7.74 -3.06
CA ILE A 341 45.45 -9.13 -3.04
C ILE A 341 46.97 -9.21 -2.79
N GLU A 342 47.72 -8.35 -3.47
CA GLU A 342 49.16 -8.29 -3.32
C GLU A 342 49.54 -7.91 -1.88
N SER A 343 48.83 -6.91 -1.36
CA SER A 343 48.99 -6.50 0.03
C SER A 343 48.77 -7.67 0.99
N GLY A 344 47.81 -8.52 0.67
CA GLY A 344 47.50 -9.67 1.51
C GLY A 344 48.64 -10.68 1.54
N LYS A 345 49.26 -10.88 0.39
CA LYS A 345 50.39 -11.78 0.30
C LYS A 345 51.57 -11.21 1.09
N ALA A 346 51.82 -9.93 0.87
CA ALA A 346 52.92 -9.23 1.52
C ALA A 346 52.83 -9.26 3.04
N GLN A 347 51.61 -9.17 3.57
CA GLN A 347 51.41 -9.12 5.01
C GLN A 347 51.19 -10.52 5.60
N LYS A 348 51.47 -11.53 4.78
CA LYS A 348 51.60 -12.91 5.26
C LYS A 348 50.28 -13.57 5.65
N ALA A 349 49.19 -13.15 5.03
CA ALA A 349 47.98 -13.93 5.11
C ALA A 349 48.22 -15.21 4.31
N ARG A 350 47.48 -16.27 4.60
CA ARG A 350 47.63 -17.51 3.85
C ARG A 350 46.65 -17.57 2.68
N LEU A 351 47.18 -17.57 1.46
CA LEU A 351 46.34 -17.67 0.28
C LEU A 351 45.77 -19.07 0.18
N LEU A 352 44.45 -19.17 0.21
CA LEU A 352 43.80 -20.46 0.11
C LEU A 352 43.44 -20.77 -1.34
N CYS A 353 43.08 -19.74 -2.10
CA CYS A 353 42.80 -19.92 -3.53
C CYS A 353 42.71 -18.59 -4.26
N GLY A 354 42.83 -18.65 -5.58
CA GLY A 354 42.82 -17.45 -6.39
C GLY A 354 44.06 -16.62 -6.11
N GLY A 355 43.89 -15.30 -6.08
CA GLY A 355 45.01 -14.41 -5.85
C GLY A 355 45.59 -13.84 -7.12
N GLU A 356 44.96 -14.15 -8.25
CA GLU A 356 45.52 -13.75 -9.53
C GLU A 356 44.49 -13.31 -10.57
N ARG A 357 44.91 -12.44 -11.47
CA ARG A 357 44.12 -12.14 -12.66
C ARG A 357 43.98 -13.39 -13.54
N VAL A 358 42.83 -13.58 -14.17
CA VAL A 358 42.66 -14.70 -15.10
C VAL A 358 42.86 -14.17 -16.52
N THR A 359 43.85 -14.71 -17.23
CA THR A 359 44.24 -14.13 -18.54
C THR A 359 44.18 -15.09 -19.73
N ASP A 360 44.00 -16.39 -19.46
CA ASP A 360 43.92 -17.38 -20.51
C ASP A 360 42.88 -17.03 -21.59
N GLY A 361 43.30 -17.14 -22.86
CA GLY A 361 42.43 -16.88 -23.99
C GLY A 361 41.66 -15.58 -23.89
N ALA A 362 40.35 -15.68 -24.10
CA ALA A 362 39.45 -14.53 -24.08
C ALA A 362 39.50 -13.73 -22.77
N PHE A 363 39.84 -14.39 -21.67
CA PHE A 363 39.82 -13.75 -20.36
C PHE A 363 40.78 -12.55 -20.26
N GLY A 364 41.89 -12.62 -21.00
CA GLY A 364 42.85 -11.52 -21.02
C GLY A 364 42.30 -10.24 -21.63
N LYS A 365 41.22 -10.34 -22.40
CA LYS A 365 40.58 -9.16 -22.97
C LYS A 365 39.59 -8.54 -21.98
N GLY A 366 39.44 -9.19 -20.83
CA GLY A 366 38.48 -8.74 -19.83
C GLY A 366 39.16 -8.45 -18.51
N ALA A 367 38.38 -8.00 -17.53
CA ALA A 367 38.89 -7.69 -16.21
C ALA A 367 38.55 -8.80 -15.20
N TYR A 368 39.11 -9.97 -15.41
CA TYR A 368 38.78 -11.12 -14.58
C TYR A 368 39.77 -11.32 -13.45
N VAL A 369 39.25 -11.31 -12.22
CA VAL A 369 40.02 -11.69 -11.04
C VAL A 369 39.42 -12.97 -10.49
N ALA A 370 40.27 -13.97 -10.21
CA ALA A 370 39.76 -15.25 -9.70
C ALA A 370 39.19 -15.07 -8.30
N PRO A 371 38.17 -15.86 -7.96
CA PRO A 371 37.65 -15.84 -6.58
C PRO A 371 38.79 -16.12 -5.60
N THR A 372 39.04 -15.17 -4.70
CA THR A 372 40.19 -15.24 -3.80
C THR A 372 39.77 -15.43 -2.34
N VAL A 373 40.41 -16.39 -1.66
CA VAL A 373 40.23 -16.60 -0.23
C VAL A 373 41.56 -16.55 0.50
N PHE A 374 41.65 -15.67 1.50
CA PHE A 374 42.79 -15.61 2.40
C PHE A 374 42.35 -16.13 3.75
N THR A 375 43.27 -16.74 4.46
CA THR A 375 42.93 -17.28 5.77
C THR A 375 44.08 -16.99 6.72
N ASP A 376 43.89 -17.36 7.98
CA ASP A 376 44.83 -17.00 9.03
C ASP A 376 45.12 -15.50 8.98
N CYS A 377 44.06 -14.72 8.79
CA CYS A 377 44.19 -13.28 8.72
C CYS A 377 44.27 -12.67 10.12
N ARG A 378 44.76 -11.44 10.21
CA ARG A 378 44.85 -10.73 11.48
C ARG A 378 44.14 -9.39 11.35
N ASP A 379 43.55 -8.93 12.46
CA ASP A 379 42.75 -7.70 12.45
C ASP A 379 43.48 -6.45 11.95
N ASP A 380 44.80 -6.45 11.96
CA ASP A 380 45.55 -5.27 11.56
C ASP A 380 45.94 -5.30 10.08
N MET A 381 45.61 -6.39 9.39
CA MET A 381 45.93 -6.50 7.97
C MET A 381 45.07 -5.54 7.16
N THR A 382 45.71 -4.94 6.16
CA THR A 382 45.03 -4.04 5.22
C THR A 382 43.78 -4.69 4.60
N ILE A 383 43.89 -5.95 4.15
CA ILE A 383 42.75 -6.64 3.55
C ILE A 383 41.60 -6.88 4.51
N VAL A 384 41.88 -6.74 5.80
CA VAL A 384 40.87 -6.98 6.81
C VAL A 384 40.23 -5.66 7.24
N ARG A 385 41.00 -4.58 7.14
CA ARG A 385 40.52 -3.27 7.58
C ARG A 385 39.79 -2.52 6.47
N GLU A 386 40.18 -2.75 5.23
CA GLU A 386 39.67 -1.92 4.13
C GLU A 386 38.69 -2.61 3.18
N GLU A 387 37.71 -1.85 2.71
CA GLU A 387 36.79 -2.39 1.70
C GLU A 387 37.53 -2.58 0.39
N ILE A 388 37.52 -3.82 -0.08
CA ILE A 388 38.20 -4.16 -1.33
C ILE A 388 37.25 -4.04 -2.50
N PHE A 389 35.99 -4.42 -2.26
CA PHE A 389 34.96 -4.39 -3.29
C PHE A 389 35.31 -5.29 -4.47
N GLY A 390 35.90 -6.43 -4.13
CA GLY A 390 36.24 -7.43 -5.12
C GLY A 390 36.05 -8.78 -4.48
N PRO A 391 36.27 -9.86 -5.25
CA PRO A 391 36.01 -11.20 -4.74
C PRO A 391 37.17 -11.70 -3.87
N VAL A 392 37.23 -11.15 -2.65
CA VAL A 392 38.30 -11.48 -1.72
C VAL A 392 37.75 -11.69 -0.31
N MET A 393 37.71 -12.95 0.11
CA MET A 393 37.22 -13.31 1.43
C MET A 393 38.40 -13.35 2.41
N SER A 394 38.23 -12.75 3.59
CA SER A 394 39.23 -12.88 4.65
C SER A 394 38.67 -13.73 5.78
N ILE A 395 39.31 -14.86 6.04
CA ILE A 395 38.87 -15.75 7.11
C ILE A 395 39.68 -15.46 8.38
N LEU A 396 38.97 -15.17 9.47
CA LEU A 396 39.61 -14.84 10.73
C LEU A 396 39.21 -15.84 11.81
N VAL A 397 40.20 -16.44 12.47
CA VAL A 397 39.94 -17.44 13.52
C VAL A 397 39.63 -16.75 14.85
N TYR A 398 38.69 -17.29 15.61
CA TYR A 398 38.44 -16.76 16.94
C TYR A 398 38.33 -17.91 17.94
N ASP A 399 38.43 -17.60 19.23
CA ASP A 399 38.34 -18.65 20.24
C ASP A 399 37.07 -18.57 21.08
N ASP A 400 36.64 -17.37 21.47
CA ASP A 400 35.33 -17.30 22.10
C ASP A 400 34.39 -16.28 21.46
N GLU A 401 33.12 -16.41 21.81
CA GLU A 401 32.06 -15.70 21.12
C GLU A 401 32.04 -14.20 21.36
N ASP A 402 32.28 -13.76 22.60
CA ASP A 402 32.35 -12.34 22.88
C ASP A 402 33.52 -11.68 22.14
N GLU A 403 34.61 -12.41 22.04
CA GLU A 403 35.77 -11.92 21.30
C GLU A 403 35.39 -11.67 19.82
N ALA A 404 34.70 -12.63 19.21
CA ALA A 404 34.27 -12.49 17.83
C ALA A 404 33.41 -11.25 17.63
N ILE A 405 32.47 -11.03 18.55
CA ILE A 405 31.56 -9.90 18.44
C ILE A 405 32.25 -8.55 18.57
N ARG A 406 33.16 -8.45 19.54
N ARG A 406 33.17 -8.43 19.53
CA ARG A 406 33.91 -7.21 19.74
CA ARG A 406 33.88 -7.17 19.72
C ARG A 406 34.77 -6.93 18.51
C ARG A 406 34.82 -6.93 18.53
N ARG A 407 35.32 -8.00 17.94
CA ARG A 407 36.16 -7.86 16.76
C ARG A 407 35.32 -7.52 15.52
N ALA A 408 34.13 -8.10 15.43
CA ALA A 408 33.21 -7.77 14.36
C ALA A 408 32.88 -6.27 14.39
N ASN A 409 32.61 -5.77 15.60
CA ASN A 409 32.27 -4.37 15.82
C ASN A 409 33.45 -3.39 15.71
N ASP A 410 34.67 -3.91 15.74
CA ASP A 410 35.84 -3.03 15.80
C ASP A 410 36.19 -2.46 14.42
N THR A 411 35.33 -1.58 13.91
CA THR A 411 35.52 -0.98 12.60
C THR A 411 34.71 0.32 12.50
N GLU A 412 35.11 1.20 11.59
CA GLU A 412 34.37 2.44 11.39
C GLU A 412 33.10 2.18 10.56
N TYR A 413 33.06 1.03 9.90
CA TYR A 413 31.94 0.66 9.05
C TYR A 413 30.83 0.03 9.88
N GLY A 414 29.70 -0.24 9.23
CA GLY A 414 28.55 -0.79 9.94
C GLY A 414 27.38 -1.02 9.02
N LEU A 415 27.65 -1.52 7.83
CA LEU A 415 26.58 -1.72 6.84
C LEU A 415 25.74 -2.96 7.15
N ALA A 416 26.39 -4.12 7.10
CA ALA A 416 25.69 -5.38 7.38
C ALA A 416 26.44 -6.23 8.38
N ALA A 417 25.75 -7.22 8.93
CA ALA A 417 26.37 -8.25 9.77
C ALA A 417 25.51 -9.50 9.69
N GLY A 418 26.10 -10.65 9.98
CA GLY A 418 25.34 -11.88 9.99
C GLY A 418 25.92 -12.93 10.90
N VAL A 419 25.07 -13.79 11.44
CA VAL A 419 25.56 -14.91 12.24
C VAL A 419 24.98 -16.22 11.72
N VAL A 420 25.74 -17.30 11.88
CA VAL A 420 25.25 -18.64 11.57
C VAL A 420 25.30 -19.51 12.83
N THR A 421 24.13 -19.98 13.23
CA THR A 421 23.98 -20.80 14.44
C THR A 421 22.58 -21.43 14.48
N GLN A 422 22.44 -22.52 15.23
CA GLN A 422 21.13 -23.17 15.31
C GLN A 422 20.49 -22.84 16.65
N ASP A 423 21.29 -22.25 17.53
CA ASP A 423 20.82 -21.95 18.87
C ASP A 423 19.92 -20.71 18.87
N LEU A 424 18.74 -20.85 19.46
CA LEU A 424 17.80 -19.73 19.55
C LEU A 424 18.38 -18.49 20.25
N ALA A 425 18.93 -18.67 21.45
CA ALA A 425 19.38 -17.54 22.24
C ALA A 425 20.58 -16.83 21.61
N ARG A 426 21.52 -17.61 21.10
CA ARG A 426 22.73 -17.05 20.53
C ARG A 426 22.43 -16.21 19.27
N ALA A 427 21.52 -16.70 18.45
CA ALA A 427 21.14 -16.01 17.22
C ALA A 427 20.72 -14.57 17.53
N HIS A 428 19.74 -14.41 18.43
CA HIS A 428 19.21 -13.08 18.69
C HIS A 428 20.16 -12.23 19.54
N ARG A 429 20.77 -12.84 20.54
N ARG A 429 20.79 -12.82 20.54
CA ARG A 429 21.67 -12.10 21.42
CA ARG A 429 21.65 -12.03 21.42
C ARG A 429 22.88 -11.57 20.67
C ARG A 429 22.94 -11.58 20.72
N ALA A 430 23.42 -12.37 19.77
CA ALA A 430 24.58 -11.96 18.99
C ALA A 430 24.16 -10.81 18.08
N ILE A 431 23.03 -10.99 17.41
CA ILE A 431 22.58 -10.04 16.42
C ILE A 431 22.29 -8.70 17.07
N HIS A 432 21.76 -8.70 18.30
CA HIS A 432 21.46 -7.45 19.01
C HIS A 432 22.72 -6.65 19.38
N ARG A 433 23.86 -7.34 19.52
CA ARG A 433 25.10 -6.68 19.88
C ARG A 433 25.90 -6.23 18.66
N LEU A 434 25.50 -6.68 17.48
CA LEU A 434 26.28 -6.33 16.29
C LEU A 434 25.88 -4.94 15.78
N GLU A 435 26.88 -4.10 15.56
CA GLU A 435 26.61 -2.72 15.19
C GLU A 435 26.51 -2.55 13.68
N ALA A 436 25.36 -2.94 13.14
CA ALA A 436 25.12 -2.85 11.70
C ALA A 436 23.63 -2.64 11.46
N GLY A 437 23.31 -1.99 10.34
CA GLY A 437 21.92 -1.66 10.05
C GLY A 437 21.15 -2.80 9.40
N ILE A 438 21.90 -3.74 8.83
CA ILE A 438 21.31 -4.83 8.06
C ILE A 438 21.85 -6.14 8.60
N CYS A 439 21.01 -6.92 9.25
CA CYS A 439 21.49 -8.12 9.95
C CYS A 439 20.78 -9.39 9.48
N TRP A 440 21.57 -10.40 9.16
CA TRP A 440 21.03 -11.67 8.70
C TRP A 440 21.36 -12.82 9.66
N ILE A 441 20.36 -13.64 9.96
CA ILE A 441 20.54 -14.83 10.76
C ILE A 441 20.35 -16.08 9.88
N ASN A 442 21.42 -16.86 9.70
CA ASN A 442 21.37 -18.09 8.92
C ASN A 442 21.05 -17.89 7.43
N THR A 443 21.39 -16.72 6.91
CA THR A 443 21.25 -16.44 5.49
C THR A 443 22.14 -15.25 5.18
N TRP A 444 22.06 -14.74 3.95
CA TRP A 444 22.78 -13.52 3.59
C TRP A 444 22.25 -12.99 2.29
N GLY A 445 22.24 -11.66 2.15
CA GLY A 445 21.97 -11.02 0.87
C GLY A 445 20.52 -10.71 0.51
N GLU A 446 19.56 -11.38 1.16
CA GLU A 446 18.16 -11.15 0.81
C GLU A 446 17.73 -9.79 1.32
N SER A 447 17.08 -9.01 0.45
CA SER A 447 16.75 -7.62 0.78
C SER A 447 15.34 -7.24 0.33
N PRO A 448 14.33 -7.75 1.03
CA PRO A 448 12.92 -7.61 0.63
C PRO A 448 12.54 -6.13 0.60
N ALA A 449 11.58 -5.78 -0.25
CA ALA A 449 11.14 -4.40 -0.38
C ALA A 449 10.64 -3.82 0.95
N GLU A 450 10.11 -4.68 1.82
CA GLU A 450 9.54 -4.25 3.09
C GLU A 450 10.60 -3.93 4.15
N MET A 451 11.84 -4.33 3.90
CA MET A 451 12.88 -4.26 4.91
C MET A 451 13.79 -3.04 4.72
N PRO A 452 13.76 -2.10 5.66
CA PRO A 452 14.59 -0.88 5.63
C PRO A 452 16.06 -1.27 5.64
N VAL A 453 16.85 -0.80 4.67
CA VAL A 453 18.26 -1.18 4.65
C VAL A 453 19.11 0.07 4.58
N GLY A 454 20.24 0.03 5.30
CA GLY A 454 21.14 1.16 5.38
C GLY A 454 22.21 0.95 6.43
N GLY A 455 23.17 1.86 6.53
CA GLY A 455 24.34 1.59 7.36
C GLY A 455 24.33 2.30 8.70
N TYR A 456 24.96 1.69 9.69
CA TYR A 456 25.34 2.35 10.93
C TYR A 456 26.68 3.04 10.68
N LYS A 457 27.04 3.98 11.56
CA LYS A 457 28.37 4.58 11.55
C LYS A 457 28.74 5.18 10.19
N GLN A 458 29.95 4.92 9.70
CA GLN A 458 30.35 5.56 8.45
C GLN A 458 29.89 4.81 7.20
N SER A 459 29.01 3.83 7.38
CA SER A 459 28.46 3.10 6.25
C SER A 459 27.18 3.72 5.71
N GLY A 460 26.57 4.61 6.48
CA GLY A 460 25.35 5.21 6.01
C GLY A 460 24.72 6.32 6.82
N VAL A 461 23.80 7.02 6.17
CA VAL A 461 22.89 7.93 6.81
C VAL A 461 21.57 7.66 6.10
N GLY A 462 20.49 7.49 6.87
CA GLY A 462 19.19 7.20 6.27
C GLY A 462 19.05 5.75 5.83
N ARG A 463 17.90 5.44 5.24
CA ARG A 463 17.56 4.06 4.86
C ARG A 463 16.95 4.03 3.47
N GLU A 464 16.97 2.85 2.86
CA GLU A 464 16.18 2.59 1.65
C GLU A 464 15.26 1.40 1.90
N ASN A 465 14.18 1.35 1.12
CA ASN A 465 13.14 0.31 1.25
C ASN A 465 12.35 0.41 2.57
N GLY A 466 11.23 -0.30 2.64
CA GLY A 466 10.39 -0.28 3.83
C GLY A 466 9.55 0.98 3.91
N LEU A 467 8.61 0.98 4.86
CA LEU A 467 7.71 2.10 5.08
C LEU A 467 8.49 3.38 5.40
N THR A 468 9.51 3.27 6.25
CA THR A 468 10.22 4.45 6.73
C THR A 468 10.79 5.30 5.58
N THR A 469 11.30 4.63 4.55
CA THR A 469 11.94 5.34 3.46
C THR A 469 10.93 6.20 2.69
N LEU A 470 9.71 5.70 2.56
CA LEU A 470 8.66 6.46 1.91
C LEU A 470 8.43 7.75 2.70
N ALA A 471 8.39 7.63 4.03
CA ALA A 471 8.15 8.81 4.87
C ALA A 471 9.26 9.81 4.71
N HIS A 472 10.48 9.34 4.55
CA HIS A 472 11.63 10.25 4.45
C HIS A 472 11.77 10.90 3.08
N TYR A 473 10.84 10.63 2.18
CA TYR A 473 10.74 11.41 0.96
C TYR A 473 9.59 12.42 1.03
N THR A 474 9.09 12.67 2.23
CA THR A 474 8.21 13.80 2.46
C THR A 474 8.77 14.66 3.56
N ARG A 475 8.26 15.87 3.70
CA ARG A 475 8.62 16.70 4.83
C ARG A 475 7.36 17.00 5.64
N ILE A 476 7.55 17.15 6.95
CA ILE A 476 6.41 17.33 7.85
C ILE A 476 6.09 18.82 8.02
N LYS A 477 4.84 19.18 7.78
CA LYS A 477 4.36 20.51 8.11
C LYS A 477 3.34 20.39 9.23
N SER A 478 3.62 21.01 10.37
CA SER A 478 2.65 21.10 11.46
C SER A 478 1.73 22.31 11.26
N VAL A 479 0.44 22.06 11.38
CA VAL A 479 -0.58 23.12 11.28
C VAL A 479 -1.35 23.22 12.58
N GLN A 480 -1.24 24.34 13.28
CA GLN A 480 -2.04 24.53 14.49
C GLN A 480 -3.23 25.41 14.19
N VAL A 481 -4.42 24.87 14.43
CA VAL A 481 -5.66 25.62 14.24
C VAL A 481 -6.15 26.19 15.57
N GLU A 482 -6.08 27.52 15.72
CA GLU A 482 -6.67 28.17 16.89
C GLU A 482 -8.15 28.51 16.62
N LEU A 483 -9.04 27.92 17.40
CA LEU A 483 -10.49 28.09 17.23
C LEU A 483 -11.08 29.03 18.29
N GLY A 484 -10.27 29.43 19.27
CA GLY A 484 -10.72 30.27 20.35
C GLY A 484 -10.03 31.62 20.36
N ASP A 485 -9.85 32.20 21.54
CA ASP A 485 -9.22 33.52 21.62
C ASP A 485 -7.70 33.45 21.54
N TYR A 486 -7.10 34.55 21.09
CA TYR A 486 -5.66 34.67 21.12
C TYR A 486 -5.26 35.70 22.17
N ALA A 487 -4.41 35.31 23.10
CA ALA A 487 -3.96 36.21 24.15
C ALA A 487 -2.58 36.78 23.87
N SER A 488 -2.47 38.10 23.82
CA SER A 488 -1.18 38.77 23.73
C SER A 488 -0.72 39.29 25.11
N VAL A 489 0.59 39.30 25.36
CA VAL A 489 1.09 39.90 26.60
C VAL A 489 1.19 41.42 26.48
N PHE A 490 1.07 41.94 25.26
CA PHE A 490 1.29 43.37 25.01
C PHE A 490 0.00 44.19 24.87
N ALA B 2 -37.85 -15.02 -14.36
CA ALA B 2 -38.18 -15.49 -15.70
C ALA B 2 -37.23 -14.86 -16.70
N ARG B 3 -36.82 -13.63 -16.43
CA ARG B 3 -35.88 -12.93 -17.30
C ARG B 3 -34.53 -13.64 -17.39
N PHE B 4 -34.10 -14.19 -16.25
CA PHE B 4 -32.80 -14.86 -16.20
C PHE B 4 -32.93 -16.33 -15.78
N GLU B 5 -31.92 -17.10 -16.17
CA GLU B 5 -31.68 -18.45 -15.70
C GLU B 5 -31.81 -18.53 -14.18
N GLU B 6 -32.13 -19.72 -13.67
CA GLU B 6 -32.16 -19.91 -12.22
C GLU B 6 -30.76 -19.71 -11.61
N GLN B 7 -30.69 -18.92 -10.54
CA GLN B 7 -29.39 -18.62 -9.93
C GLN B 7 -29.02 -19.66 -8.86
N LYS B 8 -27.79 -20.16 -8.95
CA LYS B 8 -27.30 -21.19 -8.02
C LYS B 8 -26.34 -20.63 -6.98
N LEU B 9 -25.91 -21.47 -6.04
CA LEU B 9 -24.93 -21.06 -5.05
C LEU B 9 -23.56 -21.00 -5.74
N TYR B 10 -22.63 -20.29 -5.12
CA TYR B 10 -21.27 -20.25 -5.64
C TYR B 10 -20.30 -20.73 -4.55
N ILE B 11 -19.72 -21.91 -4.77
CA ILE B 11 -18.82 -22.53 -3.81
C ILE B 11 -17.63 -23.15 -4.55
N GLY B 12 -16.43 -22.91 -4.05
CA GLY B 12 -15.23 -23.53 -4.61
C GLY B 12 -14.97 -23.15 -6.05
N GLY B 13 -15.10 -21.88 -6.36
CA GLY B 13 -14.73 -21.36 -7.66
C GLY B 13 -15.65 -21.79 -8.78
N ARG B 14 -16.88 -22.18 -8.42
CA ARG B 14 -17.90 -22.55 -9.41
C ARG B 14 -19.31 -22.52 -8.84
N TYR B 15 -20.30 -22.62 -9.73
CA TYR B 15 -21.69 -22.73 -9.30
C TYR B 15 -22.03 -24.16 -8.93
N VAL B 16 -22.73 -24.33 -7.80
CA VAL B 16 -23.18 -25.64 -7.37
C VAL B 16 -24.66 -25.60 -7.03
N GLU B 17 -25.33 -26.74 -7.17
CA GLU B 17 -26.74 -26.86 -6.85
C GLU B 17 -26.93 -26.84 -5.34
N ALA B 18 -27.89 -26.07 -4.85
CA ALA B 18 -28.21 -26.13 -3.42
C ALA B 18 -28.91 -27.45 -3.10
N SER B 19 -29.10 -27.70 -1.80
CA SER B 19 -29.72 -28.94 -1.37
C SER B 19 -30.90 -28.70 -0.43
N SER B 20 -31.66 -27.64 -0.70
CA SER B 20 -32.84 -27.31 0.10
C SER B 20 -34.12 -27.64 -0.65
N GLY B 21 -34.04 -27.68 -1.98
CA GLY B 21 -35.21 -27.88 -2.82
C GLY B 21 -36.03 -26.61 -2.99
N ALA B 22 -35.65 -25.56 -2.27
CA ALA B 22 -36.42 -24.32 -2.28
C ALA B 22 -35.76 -23.23 -3.12
N THR B 23 -36.58 -22.30 -3.60
CA THR B 23 -36.09 -21.11 -4.27
C THR B 23 -36.88 -19.90 -3.80
N PHE B 24 -36.40 -18.71 -4.17
CA PHE B 24 -37.17 -17.49 -3.99
C PHE B 24 -37.02 -16.66 -5.26
N GLU B 25 -37.74 -15.56 -5.36
CA GLU B 25 -37.69 -14.77 -6.56
C GLU B 25 -37.17 -13.38 -6.27
N THR B 26 -36.46 -12.81 -7.24
CA THR B 26 -36.05 -11.43 -7.12
C THR B 26 -36.78 -10.61 -8.18
N ILE B 27 -37.31 -9.48 -7.74
CA ILE B 27 -38.20 -8.66 -8.55
C ILE B 27 -37.54 -7.34 -8.94
N ASN B 28 -37.63 -6.97 -10.21
CA ASN B 28 -37.34 -5.61 -10.63
C ASN B 28 -38.41 -4.67 -10.06
N PRO B 29 -38.00 -3.70 -9.21
CA PRO B 29 -38.99 -2.82 -8.56
C PRO B 29 -39.44 -1.69 -9.47
N ALA B 30 -38.85 -1.59 -10.67
CA ALA B 30 -39.31 -0.59 -11.62
C ALA B 30 -40.54 -1.04 -12.42
N ASN B 31 -40.76 -2.35 -12.50
CA ASN B 31 -41.85 -2.85 -13.34
C ASN B 31 -42.53 -4.12 -12.85
N GLY B 32 -42.06 -4.68 -11.74
CA GLY B 32 -42.69 -5.87 -11.19
C GLY B 32 -42.26 -7.17 -11.85
N GLU B 33 -41.45 -7.08 -12.90
CA GLU B 33 -40.95 -8.27 -13.59
C GLU B 33 -40.09 -9.15 -12.67
N VAL B 34 -40.33 -10.46 -12.73
CA VAL B 34 -39.50 -11.43 -12.04
C VAL B 34 -38.18 -11.58 -12.78
N LEU B 35 -37.09 -11.23 -12.09
CA LEU B 35 -35.76 -11.29 -12.70
C LEU B 35 -35.22 -12.71 -12.77
N ALA B 36 -35.42 -13.46 -11.68
CA ALA B 36 -34.85 -14.81 -11.60
C ALA B 36 -35.31 -15.58 -10.38
N LYS B 37 -35.42 -16.88 -10.56
CA LYS B 37 -35.55 -17.81 -9.45
C LYS B 37 -34.16 -17.86 -8.82
N VAL B 38 -34.10 -17.88 -7.50
CA VAL B 38 -32.81 -17.94 -6.81
C VAL B 38 -32.87 -19.01 -5.74
N GLN B 39 -31.87 -19.88 -5.73
CA GLN B 39 -31.85 -21.02 -4.80
C GLN B 39 -31.66 -20.59 -3.36
N ARG B 40 -32.24 -21.37 -2.44
CA ARG B 40 -32.10 -21.15 -1.01
C ARG B 40 -31.08 -22.14 -0.44
N ALA B 41 -30.06 -21.62 0.22
CA ALA B 41 -29.04 -22.48 0.80
C ALA B 41 -29.62 -23.25 1.98
N SER B 42 -29.25 -24.53 2.08
CA SER B 42 -29.67 -25.33 3.23
C SER B 42 -28.61 -25.25 4.32
N ARG B 43 -28.93 -25.77 5.50
CA ARG B 43 -27.99 -25.85 6.60
C ARG B 43 -26.74 -26.62 6.18
N GLU B 44 -26.92 -27.62 5.30
CA GLU B 44 -25.82 -28.44 4.84
C GLU B 44 -24.99 -27.72 3.78
N ASP B 45 -25.63 -26.81 3.05
CA ASP B 45 -24.92 -25.99 2.07
C ASP B 45 -23.95 -25.03 2.78
N VAL B 46 -24.38 -24.51 3.91
CA VAL B 46 -23.53 -23.68 4.76
C VAL B 46 -22.28 -24.46 5.17
N GLU B 47 -22.48 -25.71 5.53
CA GLU B 47 -21.38 -26.57 5.97
C GLU B 47 -20.38 -26.79 4.84
N ARG B 48 -20.93 -26.99 3.65
CA ARG B 48 -20.13 -27.17 2.46
C ARG B 48 -19.27 -25.92 2.19
N ALA B 49 -19.91 -24.76 2.25
CA ALA B 49 -19.22 -23.48 1.99
C ALA B 49 -18.18 -23.17 3.05
N VAL B 50 -18.44 -23.54 4.31
CA VAL B 50 -17.44 -23.39 5.37
C VAL B 50 -16.22 -24.28 5.14
N GLN B 51 -16.47 -25.53 4.76
CA GLN B 51 -15.35 -26.43 4.48
C GLN B 51 -14.53 -25.97 3.28
N SER B 52 -15.22 -25.51 2.23
CA SER B 52 -14.54 -24.94 1.07
C SER B 52 -13.68 -23.72 1.47
N ALA B 53 -14.24 -22.88 2.33
CA ALA B 53 -13.56 -21.66 2.74
C ALA B 53 -12.34 -21.98 3.60
N VAL B 54 -12.48 -22.92 4.53
CA VAL B 54 -11.36 -23.32 5.38
C VAL B 54 -10.17 -23.78 4.56
N GLU B 55 -10.43 -24.49 3.48
CA GLU B 55 -9.36 -24.99 2.63
C GLU B 55 -8.80 -23.92 1.71
N GLY B 56 -9.66 -23.09 1.16
CA GLY B 56 -9.21 -22.04 0.26
C GLY B 56 -8.33 -21.04 1.00
N GLN B 57 -8.68 -20.78 2.26
CA GLN B 57 -8.00 -19.77 3.05
C GLN B 57 -6.56 -20.20 3.28
N LYS B 58 -6.35 -21.50 3.40
CA LYS B 58 -5.01 -22.01 3.63
C LYS B 58 -4.13 -21.79 2.40
N VAL B 59 -4.70 -22.02 1.22
CA VAL B 59 -3.96 -21.78 -0.02
C VAL B 59 -3.62 -20.28 -0.19
N TRP B 60 -4.62 -19.44 0.04
CA TRP B 60 -4.54 -17.99 -0.13
C TRP B 60 -3.53 -17.38 0.85
N ALA B 61 -3.63 -17.79 2.11
CA ALA B 61 -2.74 -17.24 3.13
C ALA B 61 -1.32 -17.72 2.92
N ALA B 62 -1.17 -18.82 2.20
CA ALA B 62 0.17 -19.37 1.96
C ALA B 62 0.90 -18.64 0.83
N MET B 63 0.16 -17.88 0.01
CA MET B 63 0.78 -17.08 -1.04
C MET B 63 1.47 -15.88 -0.40
N THR B 64 2.45 -15.28 -1.08
CA THR B 64 3.09 -14.07 -0.54
C THR B 64 2.13 -12.89 -0.58
N ALA B 65 2.43 -11.87 0.23
CA ALA B 65 1.66 -10.63 0.20
C ALA B 65 1.50 -10.04 -1.22
N MET B 66 2.62 -9.97 -1.93
CA MET B 66 2.60 -9.37 -3.26
C MET B 66 1.82 -10.24 -4.25
N GLN B 67 1.77 -11.54 -3.97
CA GLN B 67 0.95 -12.44 -4.78
C GLN B 67 -0.53 -12.17 -4.62
N ARG B 68 -0.97 -11.99 -3.37
CA ARG B 68 -2.35 -11.58 -3.11
C ARG B 68 -2.62 -10.22 -3.74
N SER B 69 -1.64 -9.32 -3.65
N SER B 69 -1.66 -9.31 -3.62
CA SER B 69 -1.78 -7.96 -4.18
CA SER B 69 -1.78 -7.97 -4.18
C SER B 69 -2.04 -7.96 -5.67
C SER B 69 -2.07 -8.01 -5.67
N ARG B 70 -1.23 -8.71 -6.41
CA ARG B 70 -1.36 -8.83 -7.86
C ARG B 70 -2.71 -9.42 -8.30
N ILE B 71 -3.20 -10.41 -7.58
CA ILE B 71 -4.47 -11.04 -7.92
C ILE B 71 -5.64 -10.09 -7.71
N LEU B 72 -5.65 -9.42 -6.56
CA LEU B 72 -6.68 -8.44 -6.23
C LEU B 72 -6.66 -7.26 -7.22
N ARG B 73 -5.47 -6.89 -7.69
CA ARG B 73 -5.38 -5.88 -8.75
C ARG B 73 -6.03 -6.38 -10.06
N ARG B 74 -5.81 -7.65 -10.39
CA ARG B 74 -6.41 -8.20 -11.60
C ARG B 74 -7.95 -8.11 -11.49
N ALA B 75 -8.48 -8.43 -10.30
CA ALA B 75 -9.93 -8.32 -10.06
C ALA B 75 -10.42 -6.89 -10.25
N VAL B 76 -9.66 -5.93 -9.70
CA VAL B 76 -9.96 -4.52 -9.89
C VAL B 76 -10.09 -4.21 -11.38
N ASP B 77 -9.12 -4.70 -12.16
CA ASP B 77 -9.07 -4.45 -13.60
C ASP B 77 -10.30 -4.98 -14.31
N ILE B 78 -10.72 -6.18 -13.94
CA ILE B 78 -11.92 -6.79 -14.49
C ILE B 78 -13.16 -6.01 -14.09
N LEU B 79 -13.19 -5.55 -12.84
CA LEU B 79 -14.30 -4.72 -12.38
C LEU B 79 -14.38 -3.43 -13.21
N ARG B 80 -13.24 -2.84 -13.53
CA ARG B 80 -13.23 -1.61 -14.32
C ARG B 80 -13.82 -1.86 -15.70
N GLU B 81 -13.39 -2.95 -16.34
CA GLU B 81 -13.82 -3.23 -17.71
C GLU B 81 -15.29 -3.65 -17.76
N ARG B 82 -15.76 -4.33 -16.71
CA ARG B 82 -17.14 -4.78 -16.66
C ARG B 82 -18.06 -3.84 -15.89
N ASN B 83 -17.60 -2.62 -15.67
CA ASN B 83 -18.35 -1.63 -14.91
C ASN B 83 -19.80 -1.39 -15.39
N ASP B 84 -20.00 -1.29 -16.69
CA ASP B 84 -21.34 -1.00 -17.24
C ASP B 84 -22.29 -2.21 -17.22
N GLU B 85 -21.77 -3.40 -17.47
CA GLU B 85 -22.60 -4.61 -17.40
C GLU B 85 -23.12 -4.79 -15.98
N LEU B 86 -22.23 -4.60 -15.00
CA LEU B 86 -22.57 -4.79 -13.60
C LEU B 86 -23.56 -3.72 -13.12
N ALA B 87 -23.34 -2.47 -13.54
CA ALA B 87 -24.26 -1.39 -13.20
C ALA B 87 -25.66 -1.68 -13.72
N ALA B 88 -25.73 -2.13 -14.97
CA ALA B 88 -27.02 -2.46 -15.57
C ALA B 88 -27.71 -3.54 -14.74
N LEU B 89 -26.96 -4.58 -14.38
CA LEU B 89 -27.50 -5.62 -13.53
C LEU B 89 -27.96 -5.08 -12.18
N GLU B 90 -27.16 -4.19 -11.59
CA GLU B 90 -27.51 -3.63 -10.28
C GLU B 90 -28.75 -2.73 -10.36
N THR B 91 -28.89 -2.01 -11.48
CA THR B 91 -30.08 -1.20 -11.70
C THR B 91 -31.33 -2.08 -11.81
N LEU B 92 -31.22 -3.20 -12.51
CA LEU B 92 -32.34 -4.13 -12.61
C LEU B 92 -32.75 -4.63 -11.23
N ASP B 93 -31.78 -4.95 -10.39
CA ASP B 93 -32.07 -5.57 -9.11
C ASP B 93 -32.51 -4.58 -8.02
N THR B 94 -32.04 -3.33 -8.10
CA THR B 94 -32.27 -2.37 -7.00
C THR B 94 -33.22 -1.27 -7.37
N GLY B 95 -33.35 -1.02 -8.66
CA GLY B 95 -34.19 0.08 -9.12
C GLY B 95 -33.46 1.40 -9.13
N LYS B 96 -32.19 1.39 -8.73
CA LYS B 96 -31.42 2.63 -8.69
C LYS B 96 -31.04 3.08 -10.10
N PRO B 97 -31.07 4.40 -10.33
CA PRO B 97 -30.80 4.92 -11.67
C PRO B 97 -29.45 4.45 -12.22
N LEU B 98 -29.43 4.13 -13.50
CA LEU B 98 -28.21 3.79 -14.21
C LEU B 98 -27.17 4.90 -14.06
N ALA B 99 -27.63 6.14 -13.93
CA ALA B 99 -26.72 7.28 -13.72
C ALA B 99 -25.90 7.10 -12.44
N GLU B 100 -26.48 6.46 -11.43
CA GLU B 100 -25.79 6.21 -10.17
C GLU B 100 -24.94 4.93 -10.19
N THR B 101 -25.52 3.82 -10.65
CA THR B 101 -24.83 2.54 -10.59
C THR B 101 -23.56 2.49 -11.44
N ARG B 102 -23.54 3.23 -12.55
CA ARG B 102 -22.38 3.15 -13.43
C ARG B 102 -21.29 4.16 -13.08
N SER B 103 -21.60 5.09 -12.18
CA SER B 103 -20.59 6.07 -11.77
C SER B 103 -20.20 5.95 -10.28
N VAL B 104 -21.03 5.28 -9.50
CA VAL B 104 -20.81 5.15 -8.06
C VAL B 104 -20.59 3.70 -7.58
N ASP B 105 -21.62 2.86 -7.71
CA ASP B 105 -21.66 1.52 -7.11
C ASP B 105 -20.43 0.66 -7.37
N ILE B 106 -20.13 0.39 -8.63
CA ILE B 106 -18.99 -0.44 -8.97
C ILE B 106 -17.69 0.37 -8.88
N VAL B 107 -17.74 1.63 -9.31
CA VAL B 107 -16.58 2.50 -9.22
C VAL B 107 -15.99 2.59 -7.81
N THR B 108 -16.83 2.91 -6.83
CA THR B 108 -16.35 3.07 -5.46
C THR B 108 -16.12 1.74 -4.78
N GLY B 109 -16.73 0.69 -5.32
CA GLY B 109 -16.49 -0.66 -4.80
C GLY B 109 -15.09 -1.12 -5.18
N ALA B 110 -14.75 -0.92 -6.45
CA ALA B 110 -13.43 -1.29 -6.95
C ALA B 110 -12.32 -0.41 -6.36
N ASP B 111 -12.64 0.88 -6.11
CA ASP B 111 -11.69 1.79 -5.47
C ASP B 111 -11.15 1.25 -4.15
N VAL B 112 -12.06 0.73 -3.33
CA VAL B 112 -11.69 0.16 -2.06
C VAL B 112 -10.88 -1.11 -2.24
N LEU B 113 -11.25 -1.93 -3.21
CA LEU B 113 -10.48 -3.16 -3.49
C LEU B 113 -9.06 -2.80 -3.97
N GLU B 114 -8.98 -1.77 -4.81
CA GLU B 114 -7.72 -1.30 -5.37
C GLU B 114 -6.82 -0.78 -4.25
N TYR B 115 -7.42 0.01 -3.36
CA TYR B 115 -6.77 0.52 -2.16
C TYR B 115 -6.16 -0.62 -1.34
N TYR B 116 -7.02 -1.53 -0.88
CA TYR B 116 -6.53 -2.65 -0.07
C TYR B 116 -5.51 -3.54 -0.79
N ALA B 117 -5.66 -3.70 -2.10
CA ALA B 117 -4.72 -4.53 -2.87
C ALA B 117 -3.32 -3.96 -2.71
N GLY B 118 -3.22 -2.64 -2.79
CA GLY B 118 -1.94 -1.98 -2.63
C GLY B 118 -1.36 -2.11 -1.23
N LEU B 119 -2.22 -2.39 -0.24
CA LEU B 119 -1.78 -2.34 1.17
C LEU B 119 -1.34 -3.68 1.77
N VAL B 120 -1.60 -4.78 1.08
CA VAL B 120 -1.23 -6.10 1.57
C VAL B 120 0.22 -6.20 2.10
N PRO B 121 1.21 -5.71 1.34
CA PRO B 121 2.57 -5.85 1.87
C PRO B 121 2.85 -4.93 3.07
N ALA B 122 1.94 -4.00 3.36
CA ALA B 122 2.14 -3.07 4.48
C ALA B 122 1.66 -3.60 5.84
N ILE B 123 0.99 -4.75 5.87
CA ILE B 123 0.51 -5.25 7.16
C ILE B 123 1.70 -5.71 7.99
N GLU B 124 1.85 -5.11 9.17
CA GLU B 124 3.01 -5.39 10.02
C GLU B 124 2.65 -5.52 11.50
N GLY B 125 3.44 -6.33 12.22
CA GLY B 125 3.34 -6.39 13.68
C GLY B 125 4.33 -5.44 14.30
N GLU B 126 4.55 -5.57 15.61
CA GLU B 126 5.43 -4.64 16.34
C GLU B 126 6.62 -5.42 16.88
N GLN B 127 7.66 -4.72 17.29
CA GLN B 127 8.75 -5.35 18.05
C GLN B 127 9.08 -4.49 19.27
N ILE B 128 9.22 -5.14 20.43
CA ILE B 128 9.34 -4.47 21.71
C ILE B 128 10.42 -5.16 22.54
N PRO B 129 11.55 -4.47 22.76
CA PRO B 129 12.61 -5.01 23.62
C PRO B 129 12.23 -4.84 25.09
N LEU B 130 12.48 -5.85 25.92
CA LEU B 130 12.14 -5.76 27.34
C LEU B 130 13.43 -5.56 28.15
N ARG B 131 14.49 -6.22 27.69
CA ARG B 131 15.78 -6.24 28.36
C ARG B 131 16.71 -7.01 27.46
N GLU B 132 18.01 -6.98 27.74
CA GLU B 132 18.99 -7.67 26.90
C GLU B 132 18.63 -9.12 26.57
N THR B 133 17.93 -9.79 27.50
CA THR B 133 17.68 -11.23 27.37
C THR B 133 16.24 -11.60 27.01
N SER B 134 15.42 -10.60 26.72
CA SER B 134 14.06 -10.87 26.27
C SER B 134 13.52 -9.76 25.39
N PHE B 135 12.74 -10.16 24.39
CA PHE B 135 12.00 -9.22 23.57
C PHE B 135 10.70 -9.83 23.09
N VAL B 136 9.81 -8.97 22.60
CA VAL B 136 8.50 -9.37 22.13
C VAL B 136 8.33 -8.94 20.67
N TYR B 137 7.70 -9.77 19.86
CA TYR B 137 7.19 -9.30 18.57
C TYR B 137 5.76 -9.75 18.40
N THR B 138 4.96 -8.94 17.72
CA THR B 138 3.59 -9.33 17.47
C THR B 138 3.46 -9.75 16.04
N ARG B 139 2.44 -10.56 15.77
CA ARG B 139 2.12 -10.96 14.43
C ARG B 139 0.69 -10.59 14.17
N ARG B 140 0.41 -10.12 12.97
CA ARG B 140 -0.96 -9.92 12.58
C ARG B 140 -1.34 -11.08 11.68
N GLU B 141 -2.20 -11.94 12.20
CA GLU B 141 -2.55 -13.18 11.51
C GLU B 141 -3.97 -13.10 11.02
N PRO B 142 -4.26 -13.81 9.92
CA PRO B 142 -5.62 -13.84 9.37
C PRO B 142 -6.59 -14.36 10.44
N LEU B 143 -7.84 -13.92 10.38
CA LEU B 143 -8.85 -14.46 11.25
C LEU B 143 -9.16 -15.89 10.80
N GLY B 144 -9.16 -16.10 9.48
CA GLY B 144 -9.46 -17.41 8.93
C GLY B 144 -10.70 -17.34 8.06
N VAL B 145 -11.78 -17.97 8.52
CA VAL B 145 -13.03 -17.84 7.79
C VAL B 145 -13.91 -16.75 8.41
N VAL B 146 -14.32 -15.80 7.57
CA VAL B 146 -15.21 -14.73 8.00
C VAL B 146 -16.44 -14.74 7.10
N ALA B 147 -17.52 -14.13 7.57
CA ALA B 147 -18.74 -14.06 6.76
C ALA B 147 -19.24 -12.63 6.63
N GLY B 148 -19.57 -12.24 5.40
CA GLY B 148 -20.21 -10.96 5.16
C GLY B 148 -21.69 -11.14 4.88
N ILE B 149 -22.49 -10.23 5.44
CA ILE B 149 -23.92 -10.21 5.21
C ILE B 149 -24.33 -8.86 4.66
N GLY B 150 -24.92 -8.87 3.47
CA GLY B 150 -25.15 -7.63 2.75
C GLY B 150 -26.52 -7.01 2.92
N ALA B 151 -26.61 -5.72 2.63
CA ALA B 151 -27.89 -5.05 2.58
C ALA B 151 -28.27 -4.87 1.12
N TRP B 152 -29.44 -4.30 0.89
CA TRP B 152 -29.95 -4.27 -0.47
C TRP B 152 -29.81 -2.93 -1.17
N ASN B 153 -29.37 -1.90 -0.44
CA ASN B 153 -29.27 -0.57 -1.05
C ASN B 153 -28.05 -0.39 -1.97
N TYR B 154 -26.91 -0.98 -1.61
CA TYR B 154 -25.72 -0.96 -2.45
C TYR B 154 -25.07 -2.35 -2.47
N PRO B 155 -25.76 -3.33 -3.08
CA PRO B 155 -25.40 -4.75 -3.02
C PRO B 155 -23.93 -5.06 -3.35
N VAL B 156 -23.49 -4.68 -4.54
CA VAL B 156 -22.13 -5.04 -4.96
C VAL B 156 -21.08 -4.18 -4.24
N GLN B 157 -21.38 -2.92 -4.01
CA GLN B 157 -20.47 -2.03 -3.28
C GLN B 157 -20.19 -2.60 -1.90
N ILE B 158 -21.24 -3.08 -1.24
CA ILE B 158 -21.09 -3.62 0.10
C ILE B 158 -20.24 -4.91 0.09
N ALA B 159 -20.54 -5.79 -0.85
CA ALA B 159 -19.75 -7.02 -1.02
C ALA B 159 -18.28 -6.68 -1.19
N LEU B 160 -18.01 -5.67 -2.01
CA LEU B 160 -16.63 -5.24 -2.25
C LEU B 160 -15.99 -4.66 -0.99
N TRP B 161 -16.69 -3.77 -0.30
CA TRP B 161 -16.13 -3.11 0.88
C TRP B 161 -15.91 -4.08 2.04
N LYS B 162 -16.64 -5.20 2.01
CA LYS B 162 -16.45 -6.22 3.02
C LYS B 162 -15.35 -7.22 2.62
N SER B 163 -15.43 -7.71 1.39
CA SER B 163 -14.52 -8.75 0.93
C SER B 163 -13.09 -8.24 0.71
N ALA B 164 -12.95 -7.00 0.21
CA ALA B 164 -11.62 -6.44 -0.06
C ALA B 164 -10.69 -6.51 1.16
N PRO B 165 -11.07 -5.86 2.28
CA PRO B 165 -10.07 -5.94 3.36
C PRO B 165 -9.95 -7.37 3.91
N ALA B 166 -11.03 -8.14 3.85
CA ALA B 166 -11.01 -9.51 4.37
C ALA B 166 -9.99 -10.36 3.60
N LEU B 167 -10.09 -10.31 2.27
CA LEU B 167 -9.19 -11.05 1.42
C LEU B 167 -7.75 -10.51 1.52
N ALA B 168 -7.61 -9.18 1.56
CA ALA B 168 -6.28 -8.56 1.65
C ALA B 168 -5.54 -9.01 2.91
N ALA B 169 -6.27 -9.18 4.00
CA ALA B 169 -5.69 -9.66 5.25
C ALA B 169 -5.49 -11.17 5.26
N GLY B 170 -5.81 -11.83 4.15
CA GLY B 170 -5.55 -13.25 4.02
C GLY B 170 -6.66 -14.15 4.49
N ASN B 171 -7.86 -13.61 4.65
CA ASN B 171 -9.01 -14.42 5.07
C ASN B 171 -9.81 -14.93 3.88
N ALA B 172 -10.69 -15.89 4.16
CA ALA B 172 -11.72 -16.32 3.22
C ALA B 172 -13.03 -15.72 3.69
N MET B 173 -13.88 -15.30 2.76
CA MET B 173 -15.20 -14.79 3.16
C MET B 173 -16.35 -15.54 2.48
N ILE B 174 -17.30 -15.96 3.31
CA ILE B 174 -18.57 -16.47 2.80
C ILE B 174 -19.56 -15.31 2.86
N PHE B 175 -20.09 -14.92 1.71
CA PHE B 175 -20.92 -13.73 1.66
C PHE B 175 -22.38 -14.07 1.42
N LYS B 176 -23.27 -13.49 2.22
CA LYS B 176 -24.71 -13.65 2.03
C LYS B 176 -25.34 -12.33 1.64
N PRO B 177 -25.65 -12.16 0.35
CA PRO B 177 -26.30 -10.92 -0.10
C PRO B 177 -27.73 -10.85 0.43
N SER B 178 -28.35 -9.69 0.34
CA SER B 178 -29.74 -9.58 0.74
C SER B 178 -30.64 -10.35 -0.23
N GLU B 179 -31.69 -10.94 0.34
N GLU B 179 -31.70 -10.96 0.30
CA GLU B 179 -32.71 -11.67 -0.40
CA GLU B 179 -32.62 -11.71 -0.54
C GLU B 179 -33.27 -10.80 -1.53
C GLU B 179 -33.36 -10.81 -1.53
N VAL B 180 -33.38 -9.51 -1.24
CA VAL B 180 -33.93 -8.54 -2.19
C VAL B 180 -32.99 -8.33 -3.36
N THR B 181 -31.69 -8.47 -3.14
CA THR B 181 -30.69 -8.12 -4.16
C THR B 181 -29.54 -9.10 -4.21
N PRO B 182 -29.77 -10.31 -4.72
CA PRO B 182 -28.74 -11.35 -4.67
C PRO B 182 -27.90 -11.46 -5.95
N LEU B 183 -28.25 -10.70 -6.98
CA LEU B 183 -27.66 -10.92 -8.31
C LEU B 183 -26.18 -10.53 -8.49
N THR B 184 -25.82 -9.29 -8.17
CA THR B 184 -24.45 -8.84 -8.39
C THR B 184 -23.39 -9.57 -7.57
N ALA B 185 -23.76 -10.00 -6.36
CA ALA B 185 -22.84 -10.75 -5.50
C ALA B 185 -22.27 -11.97 -6.21
N LEU B 186 -23.12 -12.66 -6.99
CA LEU B 186 -22.70 -13.86 -7.70
C LEU B 186 -21.71 -13.50 -8.82
N LYS B 187 -21.96 -12.39 -9.50
CA LYS B 187 -21.04 -11.91 -10.53
C LYS B 187 -19.67 -11.63 -9.94
N LEU B 188 -19.66 -11.01 -8.76
CA LEU B 188 -18.41 -10.70 -8.08
C LEU B 188 -17.61 -11.97 -7.80
N ALA B 189 -18.30 -13.04 -7.40
CA ALA B 189 -17.64 -14.31 -7.12
C ALA B 189 -16.94 -14.86 -8.37
N GLU B 190 -17.60 -14.70 -9.53
CA GLU B 190 -17.01 -15.14 -10.80
C GLU B 190 -15.73 -14.38 -11.06
N ILE B 191 -15.81 -13.06 -10.94
CA ILE B 191 -14.69 -12.16 -11.19
C ILE B 191 -13.46 -12.47 -10.31
N TYR B 192 -13.70 -12.72 -9.03
CA TYR B 192 -12.61 -13.13 -8.15
C TYR B 192 -11.93 -14.39 -8.69
N THR B 193 -12.74 -15.40 -9.02
CA THR B 193 -12.19 -16.65 -9.52
C THR B 193 -11.38 -16.41 -10.80
N GLU B 194 -11.90 -15.56 -11.66
CA GLU B 194 -11.29 -15.28 -12.94
C GLU B 194 -10.01 -14.44 -12.78
N ALA B 195 -9.90 -13.75 -11.64
CA ALA B 195 -8.70 -12.95 -11.35
C ALA B 195 -7.57 -13.81 -10.79
N GLY B 196 -7.92 -15.00 -10.27
CA GLY B 196 -6.93 -15.92 -9.74
C GLY B 196 -7.10 -16.16 -8.26
N VAL B 197 -8.24 -15.77 -7.72
CA VAL B 197 -8.50 -15.98 -6.30
C VAL B 197 -8.82 -17.46 -6.12
N PRO B 198 -8.09 -18.13 -5.22
CA PRO B 198 -8.22 -19.58 -5.04
C PRO B 198 -9.66 -20.00 -4.73
N ASP B 199 -10.03 -21.18 -5.22
CA ASP B 199 -11.35 -21.75 -4.95
C ASP B 199 -11.66 -21.77 -3.46
N GLY B 200 -12.84 -21.25 -3.11
CA GLY B 200 -13.30 -21.25 -1.74
C GLY B 200 -13.03 -19.99 -0.95
N VAL B 201 -12.18 -19.10 -1.48
CA VAL B 201 -11.82 -17.88 -0.77
C VAL B 201 -12.96 -16.85 -0.74
N PHE B 202 -13.76 -16.84 -1.81
CA PHE B 202 -14.97 -16.04 -1.83
C PHE B 202 -16.16 -16.87 -2.31
N ASN B 203 -16.99 -17.28 -1.35
CA ASN B 203 -18.19 -18.06 -1.65
C ASN B 203 -19.45 -17.24 -1.37
N VAL B 204 -20.50 -17.48 -2.16
CA VAL B 204 -21.75 -16.75 -2.00
C VAL B 204 -22.90 -17.72 -1.72
N LEU B 205 -23.61 -17.48 -0.61
CA LEU B 205 -24.80 -18.25 -0.31
C LEU B 205 -26.00 -17.33 -0.41
N THR B 206 -27.00 -17.75 -1.18
CA THR B 206 -28.22 -16.99 -1.28
C THR B 206 -29.30 -17.63 -0.40
N GLY B 207 -30.26 -16.82 0.04
CA GLY B 207 -31.28 -17.31 0.95
C GLY B 207 -31.73 -16.19 1.88
N SER B 208 -32.50 -16.55 2.91
CA SER B 208 -33.01 -15.55 3.85
C SER B 208 -32.14 -15.40 5.10
N GLY B 209 -32.18 -14.21 5.68
CA GLY B 209 -31.43 -13.93 6.88
C GLY B 209 -31.84 -14.77 8.08
N ARG B 210 -33.13 -15.01 8.24
CA ARG B 210 -33.61 -15.79 9.38
C ARG B 210 -33.14 -17.24 9.32
N GLU B 211 -32.67 -17.67 8.15
CA GLU B 211 -32.12 -19.02 7.99
C GLU B 211 -30.61 -19.01 7.70
N VAL B 212 -30.24 -18.83 6.43
CA VAL B 212 -28.83 -18.84 6.02
C VAL B 212 -27.97 -17.85 6.81
N GLY B 213 -28.40 -16.59 6.83
CA GLY B 213 -27.71 -15.59 7.64
C GLY B 213 -27.53 -16.03 9.08
N GLN B 214 -28.62 -16.52 9.67
CA GLN B 214 -28.59 -17.05 11.03
C GLN B 214 -27.57 -18.18 11.17
N TRP B 215 -27.55 -19.10 10.21
CA TRP B 215 -26.66 -20.27 10.27
C TRP B 215 -25.19 -19.88 10.18
N LEU B 216 -24.88 -18.88 9.37
CA LEU B 216 -23.53 -18.33 9.29
C LEU B 216 -23.10 -17.71 10.62
N THR B 217 -24.04 -17.03 11.25
N THR B 217 -24.00 -17.00 11.28
CA THR B 217 -23.82 -16.32 12.51
CA THR B 217 -23.63 -16.33 12.54
C THR B 217 -23.57 -17.28 13.67
C THR B 217 -23.50 -17.32 13.70
N GLU B 218 -24.09 -18.50 13.55
CA GLU B 218 -24.01 -19.49 14.62
C GLU B 218 -22.86 -20.45 14.44
N HIS B 219 -22.30 -20.51 13.24
CA HIS B 219 -21.29 -21.53 12.94
C HIS B 219 -20.03 -21.38 13.79
N PRO B 220 -19.63 -22.47 14.45
CA PRO B 220 -18.48 -22.43 15.36
C PRO B 220 -17.12 -22.24 14.66
N LEU B 221 -17.03 -22.52 13.35
CA LEU B 221 -15.77 -22.38 12.61
C LEU B 221 -15.57 -21.01 11.95
N ILE B 222 -16.63 -20.20 11.93
CA ILE B 222 -16.56 -18.85 11.38
C ILE B 222 -16.10 -17.89 12.47
N GLU B 223 -15.11 -17.05 12.15
CA GLU B 223 -14.40 -16.28 13.18
C GLU B 223 -14.95 -14.88 13.39
N LYS B 224 -15.53 -14.32 12.34
CA LYS B 224 -16.00 -12.94 12.37
C LYS B 224 -17.19 -12.77 11.45
N ILE B 225 -18.12 -11.91 11.88
CA ILE B 225 -19.28 -11.55 11.06
C ILE B 225 -19.23 -10.06 10.74
N SER B 226 -19.26 -9.72 9.46
CA SER B 226 -19.39 -8.32 9.07
C SER B 226 -20.80 -8.11 8.52
N PHE B 227 -21.57 -7.25 9.18
CA PHE B 227 -22.98 -7.08 8.85
C PHE B 227 -23.32 -5.63 8.52
N THR B 228 -24.24 -5.49 7.56
CA THR B 228 -24.73 -4.18 7.18
C THR B 228 -26.25 -4.25 6.98
N GLY B 229 -26.99 -3.50 7.78
CA GLY B 229 -28.44 -3.58 7.77
C GLY B 229 -29.08 -2.74 8.85
N GLY B 230 -30.32 -3.06 9.22
CA GLY B 230 -31.05 -2.27 10.21
C GLY B 230 -30.54 -2.47 11.62
N THR B 231 -30.66 -1.45 12.46
CA THR B 231 -30.18 -1.54 13.84
C THR B 231 -30.80 -2.72 14.59
N SER B 232 -32.11 -2.91 14.42
CA SER B 232 -32.83 -4.01 15.11
C SER B 232 -32.28 -5.38 14.72
N THR B 233 -32.11 -5.61 13.43
CA THR B 233 -31.52 -6.83 12.93
C THR B 233 -30.09 -6.94 13.44
N GLY B 234 -29.37 -5.83 13.32
CA GLY B 234 -27.99 -5.74 13.78
C GLY B 234 -27.81 -6.30 15.18
N LYS B 235 -28.67 -5.88 16.11
CA LYS B 235 -28.55 -6.33 17.49
C LYS B 235 -28.75 -7.84 17.63
N LYS B 236 -29.68 -8.40 16.85
CA LYS B 236 -29.92 -9.84 16.89
C LYS B 236 -28.75 -10.61 16.29
N VAL B 237 -28.28 -10.15 15.14
CA VAL B 237 -27.11 -10.77 14.51
C VAL B 237 -25.91 -10.73 15.45
N MET B 238 -25.64 -9.57 16.03
CA MET B 238 -24.48 -9.44 16.91
C MET B 238 -24.62 -10.37 18.12
N ALA B 239 -25.81 -10.44 18.71
CA ALA B 239 -26.02 -11.31 19.87
C ALA B 239 -25.83 -12.79 19.55
N SER B 240 -26.37 -13.23 18.41
CA SER B 240 -26.24 -14.62 18.00
C SER B 240 -24.78 -14.95 17.66
N ALA B 241 -24.08 -13.96 17.13
CA ALA B 241 -22.66 -14.11 16.80
C ALA B 241 -21.82 -14.27 18.07
N SER B 242 -22.22 -13.57 19.13
CA SER B 242 -21.51 -13.59 20.40
C SER B 242 -21.82 -14.84 21.21
N SER B 243 -23.11 -15.15 21.32
CA SER B 243 -23.50 -16.25 22.18
C SER B 243 -23.09 -17.61 21.61
N SER B 244 -23.00 -17.73 20.28
CA SER B 244 -22.67 -19.02 19.69
C SER B 244 -21.20 -19.42 19.91
N SER B 245 -20.28 -18.59 19.46
CA SER B 245 -18.85 -18.93 19.53
C SER B 245 -17.95 -17.74 19.74
N LEU B 246 -18.51 -16.65 20.28
CA LEU B 246 -17.74 -15.46 20.63
C LEU B 246 -16.99 -14.87 19.42
N LYS B 247 -17.69 -14.71 18.30
CA LYS B 247 -17.08 -14.21 17.09
C LYS B 247 -16.74 -12.72 17.21
N GLU B 248 -15.80 -12.27 16.38
CA GLU B 248 -15.58 -10.84 16.15
C GLU B 248 -16.76 -10.34 15.31
N VAL B 249 -17.04 -9.03 15.42
CA VAL B 249 -18.14 -8.42 14.69
C VAL B 249 -17.81 -7.03 14.13
N THR B 250 -18.28 -6.76 12.91
CA THR B 250 -18.41 -5.41 12.41
C THR B 250 -19.89 -5.16 12.14
N MET B 251 -20.40 -4.04 12.63
CA MET B 251 -21.80 -3.70 12.44
C MET B 251 -21.90 -2.31 11.80
N GLU B 252 -22.34 -2.29 10.55
CA GLU B 252 -22.66 -1.03 9.89
C GLU B 252 -24.19 -0.90 9.84
N LEU B 253 -24.75 -0.09 10.73
CA LEU B 253 -26.20 -0.03 10.90
C LEU B 253 -26.83 1.28 10.43
N GLY B 254 -28.07 1.52 10.86
CA GLY B 254 -28.81 2.66 10.35
C GLY B 254 -28.53 3.90 11.14
N GLY B 255 -29.16 5.01 10.76
CA GLY B 255 -29.02 6.24 11.51
C GLY B 255 -30.15 7.22 11.31
N LYS B 256 -30.07 8.33 12.02
CA LYS B 256 -30.97 9.46 11.78
C LYS B 256 -30.07 10.69 11.81
N SER B 257 -29.18 10.74 10.84
CA SER B 257 -28.06 11.68 10.84
C SER B 257 -28.48 13.15 10.70
N PRO B 258 -27.94 14.00 11.58
CA PRO B 258 -28.26 15.43 11.56
C PRO B 258 -27.38 16.20 10.57
N LEU B 259 -28.01 17.16 9.91
CA LEU B 259 -27.33 18.13 9.08
C LEU B 259 -27.62 19.49 9.66
N ILE B 260 -26.60 20.18 10.15
CA ILE B 260 -26.81 21.50 10.74
C ILE B 260 -26.35 22.64 9.85
N ILE B 261 -27.31 23.44 9.38
N ILE B 261 -27.29 23.46 9.39
CA ILE B 261 -27.02 24.63 8.59
CA ILE B 261 -26.94 24.62 8.59
C ILE B 261 -26.83 25.83 9.53
C ILE B 261 -26.84 25.85 9.47
N PHE B 262 -25.62 26.35 9.64
CA PHE B 262 -25.37 27.48 10.54
C PHE B 262 -25.85 28.77 9.91
N PRO B 263 -26.15 29.79 10.73
CA PRO B 263 -26.80 31.00 10.18
C PRO B 263 -25.97 31.83 9.19
N ASP B 264 -24.69 31.53 9.06
CA ASP B 264 -23.87 32.24 8.09
C ASP B 264 -23.77 31.47 6.77
N ALA B 265 -24.40 30.31 6.71
CA ALA B 265 -24.21 29.43 5.55
C ALA B 265 -24.74 30.01 4.24
N ASP B 266 -24.04 29.68 3.15
CA ASP B 266 -24.54 29.90 1.81
C ASP B 266 -25.73 28.95 1.63
N LEU B 267 -26.91 29.50 1.45
CA LEU B 267 -28.11 28.66 1.37
C LEU B 267 -28.20 27.85 0.09
N ASP B 268 -27.54 28.29 -0.98
CA ASP B 268 -27.48 27.50 -2.20
C ASP B 268 -26.74 26.20 -1.96
N ARG B 269 -25.58 26.32 -1.33
CA ARG B 269 -24.78 25.16 -1.00
C ARG B 269 -25.49 24.29 0.02
N ALA B 270 -26.07 24.93 1.04
CA ALA B 270 -26.80 24.18 2.07
C ALA B 270 -27.93 23.37 1.43
N ALA B 271 -28.69 24.00 0.54
CA ALA B 271 -29.79 23.33 -0.14
C ALA B 271 -29.32 22.17 -1.02
N ASP B 272 -28.24 22.37 -1.78
CA ASP B 272 -27.69 21.29 -2.61
C ASP B 272 -27.28 20.12 -1.74
N ILE B 273 -26.66 20.45 -0.61
CA ILE B 273 -26.21 19.44 0.32
C ILE B 273 -27.39 18.71 0.92
N ALA B 274 -28.40 19.49 1.33
CA ALA B 274 -29.58 18.93 1.97
C ALA B 274 -30.29 17.97 1.02
N VAL B 275 -30.38 18.36 -0.25
CA VAL B 275 -31.11 17.53 -1.21
C VAL B 275 -30.31 16.28 -1.60
N MET B 276 -29.00 16.44 -1.71
CA MET B 276 -28.11 15.29 -1.95
C MET B 276 -28.15 14.32 -0.77
N ALA B 277 -28.18 14.88 0.44
CA ALA B 277 -28.15 14.07 1.66
C ALA B 277 -29.50 13.41 1.96
N ASN B 278 -30.50 13.63 1.11
CA ASN B 278 -31.82 13.04 1.33
C ASN B 278 -32.42 12.26 0.16
N PHE B 279 -32.05 12.62 -1.07
CA PHE B 279 -32.74 12.07 -2.23
C PHE B 279 -31.88 11.27 -3.18
N PHE B 280 -30.59 11.17 -2.88
CA PHE B 280 -29.72 10.28 -3.66
C PHE B 280 -30.12 8.83 -3.39
N SER B 281 -30.10 8.00 -4.43
CA SER B 281 -30.63 6.63 -4.35
C SER B 281 -32.05 6.59 -3.78
N SER B 282 -32.87 7.56 -4.16
CA SER B 282 -34.25 7.65 -3.70
C SER B 282 -34.34 7.56 -2.19
N GLY B 283 -33.42 8.24 -1.51
CA GLY B 283 -33.43 8.31 -0.05
C GLY B 283 -33.01 7.03 0.67
N GLN B 284 -32.37 6.11 -0.04
CA GLN B 284 -32.04 4.80 0.54
C GLN B 284 -30.56 4.66 0.88
N VAL B 285 -29.97 5.72 1.44
CA VAL B 285 -28.57 5.69 1.88
C VAL B 285 -28.58 5.83 3.40
N CYS B 286 -27.82 4.99 4.09
CA CYS B 286 -27.83 5.00 5.57
C CYS B 286 -27.27 6.23 6.21
N THR B 287 -26.39 6.90 5.49
CA THR B 287 -25.71 8.06 6.01
C THR B 287 -26.54 9.30 5.69
N ASN B 288 -27.77 9.09 5.25
CA ASN B 288 -28.58 10.23 4.85
C ASN B 288 -28.82 11.22 5.98
N GLY B 289 -28.76 12.51 5.63
CA GLY B 289 -28.95 13.57 6.61
C GLY B 289 -30.43 13.92 6.68
N THR B 290 -31.17 13.06 7.39
CA THR B 290 -32.63 13.10 7.34
C THR B 290 -33.23 14.07 8.36
N ARG B 291 -32.39 14.61 9.23
CA ARG B 291 -32.81 15.67 10.15
C ARG B 291 -32.02 16.91 9.81
N VAL B 292 -32.69 17.89 9.19
CA VAL B 292 -32.00 19.07 8.75
C VAL B 292 -32.29 20.26 9.67
N PHE B 293 -31.27 20.74 10.37
CA PHE B 293 -31.45 21.90 11.22
C PHE B 293 -31.15 23.20 10.48
N ILE B 294 -32.13 24.10 10.55
CA ILE B 294 -32.05 25.41 9.93
C ILE B 294 -32.33 26.47 11.01
N HIS B 295 -31.54 27.53 11.02
CA HIS B 295 -31.77 28.59 11.99
C HIS B 295 -32.99 29.38 11.56
N ARG B 296 -33.76 29.86 12.54
CA ARG B 296 -35.02 30.55 12.29
C ARG B 296 -34.89 31.71 11.31
N SER B 297 -33.74 32.37 11.31
CA SER B 297 -33.51 33.50 10.40
C SER B 297 -33.40 33.06 8.94
N GLN B 298 -33.19 31.77 8.71
CA GLN B 298 -32.96 31.29 7.34
C GLN B 298 -34.04 30.33 6.81
N GLN B 299 -35.03 30.02 7.63
CA GLN B 299 -35.99 28.96 7.30
C GLN B 299 -36.74 29.16 5.98
N ALA B 300 -37.34 30.33 5.82
CA ALA B 300 -38.17 30.61 4.66
C ALA B 300 -37.37 30.48 3.36
N ARG B 301 -36.22 31.13 3.32
CA ARG B 301 -35.40 31.13 2.13
C ARG B 301 -34.83 29.74 1.84
N PHE B 302 -34.45 29.04 2.89
CA PHE B 302 -33.93 27.68 2.77
C PHE B 302 -34.98 26.72 2.23
N GLU B 303 -36.19 26.80 2.78
CA GLU B 303 -37.30 25.98 2.29
C GLU B 303 -37.57 26.24 0.81
N ALA B 304 -37.50 27.49 0.40
CA ALA B 304 -37.71 27.83 -0.99
C ALA B 304 -36.61 27.23 -1.86
N LYS B 305 -35.36 27.37 -1.40
CA LYS B 305 -34.23 26.85 -2.15
C LYS B 305 -34.27 25.33 -2.26
N VAL B 306 -34.67 24.65 -1.18
CA VAL B 306 -34.87 23.21 -1.26
C VAL B 306 -35.97 22.89 -2.28
N LEU B 307 -37.06 23.66 -2.20
CA LEU B 307 -38.21 23.41 -3.05
C LEU B 307 -37.87 23.54 -4.54
N GLU B 308 -37.09 24.56 -4.88
CA GLU B 308 -36.64 24.76 -6.26
C GLU B 308 -35.86 23.56 -6.77
N ARG B 309 -35.14 22.88 -5.87
CA ARG B 309 -34.32 21.75 -6.26
C ARG B 309 -35.11 20.47 -6.33
N VAL B 310 -36.04 20.30 -5.42
CA VAL B 310 -36.86 19.10 -5.43
C VAL B 310 -37.71 19.07 -6.70
N GLN B 311 -38.21 20.24 -7.07
CA GLN B 311 -39.09 20.37 -8.23
C GLN B 311 -38.42 19.97 -9.54
N ARG B 312 -37.09 19.97 -9.57
CA ARG B 312 -36.41 19.64 -10.81
C ARG B 312 -35.78 18.26 -10.78
N ILE B 313 -36.10 17.51 -9.72
CA ILE B 313 -35.67 16.11 -9.64
C ILE B 313 -36.34 15.27 -10.73
N ARG B 314 -35.52 14.60 -11.54
CA ARG B 314 -36.01 13.82 -12.67
C ARG B 314 -36.31 12.36 -12.29
N LEU B 315 -37.46 12.16 -11.64
CA LEU B 315 -37.98 10.84 -11.35
C LEU B 315 -38.33 10.15 -12.67
N GLY B 316 -38.07 8.85 -12.76
CA GLY B 316 -38.30 8.15 -14.02
C GLY B 316 -37.79 6.73 -14.07
N ASP B 317 -37.78 6.17 -15.27
CA ASP B 317 -37.28 4.82 -15.52
C ASP B 317 -35.78 4.80 -15.25
N PRO B 318 -35.34 3.96 -14.29
CA PRO B 318 -33.93 3.87 -13.90
C PRO B 318 -33.02 3.47 -15.06
N GLN B 319 -33.58 2.82 -16.07
CA GLN B 319 -32.77 2.43 -17.22
C GLN B 319 -32.55 3.60 -18.19
N ASP B 320 -33.28 4.68 -17.99
CA ASP B 320 -33.04 5.90 -18.76
C ASP B 320 -31.92 6.71 -18.11
N GLU B 321 -30.87 6.99 -18.89
CA GLU B 321 -29.73 7.78 -18.43
C GLU B 321 -30.09 9.14 -17.84
N ASN B 322 -31.23 9.70 -18.24
CA ASN B 322 -31.64 11.00 -17.75
C ASN B 322 -32.36 10.94 -16.41
N THR B 323 -32.70 9.73 -15.97
CA THR B 323 -33.30 9.54 -14.65
C THR B 323 -32.22 9.78 -13.57
N ASN B 324 -32.58 10.51 -12.52
CA ASN B 324 -31.69 10.66 -11.38
C ASN B 324 -32.41 10.38 -10.05
N PHE B 325 -33.60 9.79 -10.15
CA PHE B 325 -34.39 9.40 -8.98
C PHE B 325 -35.33 8.26 -9.38
N GLY B 326 -35.02 7.05 -8.93
CA GLY B 326 -35.81 5.88 -9.33
C GLY B 326 -36.83 5.46 -8.30
N PRO B 327 -37.38 4.25 -8.48
CA PRO B 327 -38.34 3.76 -7.48
C PRO B 327 -37.60 3.28 -6.24
N LEU B 328 -38.34 2.91 -5.20
CA LEU B 328 -37.71 2.28 -4.05
C LEU B 328 -37.38 0.81 -4.40
N VAL B 329 -36.65 0.17 -3.50
CA VAL B 329 -36.09 -1.16 -3.78
C VAL B 329 -37.16 -2.26 -3.83
N SER B 330 -38.28 -2.05 -3.14
CA SER B 330 -39.34 -3.05 -3.05
C SER B 330 -40.67 -2.44 -2.68
N PHE B 331 -41.74 -2.99 -3.24
CA PHE B 331 -43.11 -2.57 -2.91
C PHE B 331 -43.41 -2.60 -1.40
N PRO B 332 -42.98 -3.66 -0.69
CA PRO B 332 -43.19 -3.62 0.77
C PRO B 332 -42.46 -2.46 1.43
N HIS B 333 -41.22 -2.18 1.03
CA HIS B 333 -40.49 -1.04 1.58
C HIS B 333 -41.18 0.30 1.26
N MET B 334 -41.70 0.42 0.04
CA MET B 334 -42.53 1.56 -0.33
C MET B 334 -43.73 1.72 0.62
N GLU B 335 -44.36 0.61 0.97
CA GLU B 335 -45.52 0.68 1.84
C GLU B 335 -45.13 1.20 3.21
N SER B 336 -43.92 0.88 3.62
CA SER B 336 -43.40 1.29 4.92
C SER B 336 -43.06 2.78 4.94
N VAL B 337 -42.57 3.28 3.82
CA VAL B 337 -42.22 4.69 3.70
C VAL B 337 -43.48 5.55 3.70
N LEU B 338 -44.47 5.13 2.92
CA LEU B 338 -45.77 5.82 2.90
C LEU B 338 -46.40 5.82 4.29
N GLY B 339 -46.29 4.68 4.99
CA GLY B 339 -46.70 4.60 6.38
C GLY B 339 -46.08 5.70 7.23
N TYR B 340 -44.78 5.93 7.06
CA TYR B 340 -44.10 6.99 7.79
C TYR B 340 -44.58 8.38 7.35
N ILE B 341 -44.74 8.55 6.04
CA ILE B 341 -45.26 9.79 5.50
C ILE B 341 -46.63 10.12 6.11
N GLU B 342 -47.51 9.12 6.17
CA GLU B 342 -48.83 9.30 6.81
C GLU B 342 -48.72 9.77 8.27
N SER B 343 -47.82 9.16 9.04
CA SER B 343 -47.62 9.58 10.42
C SER B 343 -47.19 11.04 10.51
N GLY B 344 -46.41 11.51 9.53
CA GLY B 344 -45.95 12.90 9.52
C GLY B 344 -47.12 13.86 9.32
N LYS B 345 -47.97 13.53 8.36
CA LYS B 345 -49.23 14.23 8.15
C LYS B 345 -50.09 14.19 9.41
N ALA B 346 -50.35 12.99 9.91
CA ALA B 346 -51.13 12.78 11.13
C ALA B 346 -50.60 13.56 12.31
N GLN B 347 -49.28 13.77 12.37
CA GLN B 347 -48.70 14.45 13.52
C GLN B 347 -48.50 15.96 13.30
N LYS B 348 -49.13 16.47 12.25
CA LYS B 348 -49.17 17.91 11.97
C LYS B 348 -47.81 18.53 11.66
N ALA B 349 -46.99 17.80 10.91
CA ALA B 349 -45.79 18.37 10.30
C ALA B 349 -46.21 19.01 8.98
N ARG B 350 -45.59 20.13 8.61
CA ARG B 350 -45.95 20.81 7.39
C ARG B 350 -45.35 20.16 6.14
N LEU B 351 -46.22 19.59 5.32
CA LEU B 351 -45.81 18.99 4.06
C LEU B 351 -45.40 20.10 3.09
N LEU B 352 -44.15 20.04 2.64
CA LEU B 352 -43.64 21.05 1.72
C LEU B 352 -43.78 20.55 0.27
N CYS B 353 -43.56 19.26 0.06
CA CYS B 353 -43.71 18.66 -1.27
C CYS B 353 -43.74 17.14 -1.21
N GLY B 354 -44.20 16.51 -2.28
CA GLY B 354 -44.33 15.07 -2.34
C GLY B 354 -45.33 14.54 -1.33
N GLY B 355 -45.01 13.43 -0.69
CA GLY B 355 -45.86 12.84 0.31
C GLY B 355 -46.74 11.74 -0.24
N GLU B 356 -46.67 11.51 -1.55
CA GLU B 356 -47.52 10.51 -2.19
C GLU B 356 -46.75 9.50 -3.05
N ARG B 357 -47.40 8.36 -3.31
CA ARG B 357 -46.93 7.43 -4.31
C ARG B 357 -47.20 8.01 -5.71
N VAL B 358 -46.28 7.78 -6.64
CA VAL B 358 -46.44 8.25 -8.02
C VAL B 358 -47.01 7.10 -8.83
N THR B 359 -48.27 7.23 -9.24
CA THR B 359 -49.02 6.13 -9.83
C THR B 359 -49.30 6.32 -11.32
N ASP B 360 -49.00 7.51 -11.83
CA ASP B 360 -49.26 7.86 -13.22
C ASP B 360 -48.65 6.84 -14.19
N GLY B 361 -49.24 6.75 -15.38
CA GLY B 361 -48.88 5.77 -16.41
C GLY B 361 -47.46 5.26 -16.37
N ALA B 362 -47.34 3.94 -16.29
CA ALA B 362 -46.06 3.22 -16.10
C ALA B 362 -45.54 3.26 -14.66
N PHE B 363 -45.44 4.45 -14.07
CA PHE B 363 -44.98 4.58 -12.68
C PHE B 363 -45.81 3.74 -11.70
N GLY B 364 -47.06 3.46 -12.08
CA GLY B 364 -47.91 2.58 -11.30
C GLY B 364 -47.42 1.14 -11.33
N LYS B 365 -46.57 0.80 -12.29
CA LYS B 365 -46.03 -0.55 -12.38
C LYS B 365 -44.79 -0.74 -11.48
N GLY B 366 -44.21 0.37 -11.03
CA GLY B 366 -43.08 0.32 -10.12
C GLY B 366 -43.43 0.84 -8.72
N ALA B 367 -42.43 0.83 -7.83
CA ALA B 367 -42.65 1.31 -6.46
C ALA B 367 -42.04 2.69 -6.25
N TYR B 368 -42.65 3.69 -6.89
CA TYR B 368 -42.16 5.06 -6.85
C TYR B 368 -42.84 5.93 -5.78
N VAL B 369 -42.03 6.42 -4.84
CA VAL B 369 -42.47 7.43 -3.89
C VAL B 369 -41.87 8.77 -4.29
N ALA B 370 -42.66 9.84 -4.21
CA ALA B 370 -42.16 11.17 -4.53
C ALA B 370 -41.15 11.65 -3.49
N PRO B 371 -40.15 12.44 -3.93
CA PRO B 371 -39.26 13.11 -2.98
C PRO B 371 -40.10 13.97 -2.03
N THR B 372 -40.12 13.59 -0.75
CA THR B 372 -40.99 14.25 0.23
C THR B 372 -40.19 15.13 1.20
N VAL B 373 -40.69 16.34 1.44
CA VAL B 373 -40.08 17.25 2.40
C VAL B 373 -41.09 17.74 3.42
N PHE B 374 -40.80 17.50 4.69
CA PHE B 374 -41.60 18.00 5.80
C PHE B 374 -40.84 19.12 6.49
N THR B 375 -41.55 20.15 6.92
CA THR B 375 -40.91 21.19 7.71
C THR B 375 -41.71 21.49 8.97
N ASP B 376 -41.20 22.40 9.79
CA ASP B 376 -41.81 22.68 11.09
C ASP B 376 -42.00 21.41 11.88
N CYS B 377 -40.98 20.55 11.85
CA CYS B 377 -41.05 19.25 12.52
C CYS B 377 -40.64 19.38 13.98
N ARG B 378 -40.97 18.38 14.80
CA ARG B 378 -40.59 18.40 16.21
C ARG B 378 -39.87 17.13 16.62
N ASP B 379 -38.98 17.26 17.62
CA ASP B 379 -38.11 16.17 18.03
C ASP B 379 -38.84 14.92 18.52
N ASP B 380 -40.12 15.06 18.86
CA ASP B 380 -40.91 13.92 19.31
C ASP B 380 -41.72 13.27 18.17
N MET B 381 -41.65 13.84 16.97
CA MET B 381 -42.36 13.24 15.85
C MET B 381 -41.71 11.91 15.47
N THR B 382 -42.51 11.03 14.90
CA THR B 382 -42.06 9.70 14.50
C THR B 382 -41.13 9.80 13.29
N ILE B 383 -41.43 10.70 12.36
CA ILE B 383 -40.59 10.91 11.19
C ILE B 383 -39.22 11.49 11.55
N VAL B 384 -39.14 12.13 12.71
CA VAL B 384 -37.91 12.73 13.20
C VAL B 384 -37.10 11.74 14.06
N ARG B 385 -37.80 10.86 14.77
CA ARG B 385 -37.14 9.95 15.71
C ARG B 385 -36.68 8.66 15.03
N GLU B 386 -37.46 8.20 14.06
CA GLU B 386 -37.20 6.88 13.48
C GLU B 386 -36.62 6.92 12.06
N GLU B 387 -35.79 5.93 11.77
CA GLU B 387 -35.22 5.79 10.44
C GLU B 387 -36.30 5.34 9.46
N ILE B 388 -36.41 6.08 8.36
CA ILE B 388 -37.43 5.83 7.36
C ILE B 388 -36.84 5.04 6.19
N PHE B 389 -35.65 5.44 5.77
CA PHE B 389 -34.96 4.80 4.65
C PHE B 389 -35.73 4.97 3.36
N GLY B 390 -36.22 6.18 3.16
CA GLY B 390 -36.91 6.55 1.95
C GLY B 390 -36.74 8.03 1.82
N PRO B 391 -37.16 8.61 0.69
CA PRO B 391 -36.95 10.04 0.42
C PRO B 391 -37.81 10.95 1.31
N VAL B 392 -37.46 11.07 2.58
CA VAL B 392 -38.20 11.93 3.51
C VAL B 392 -37.27 12.82 4.34
N MET B 393 -37.23 14.11 4.00
CA MET B 393 -36.43 15.07 4.74
C MET B 393 -37.29 15.71 5.82
N SER B 394 -36.75 15.83 7.03
CA SER B 394 -37.42 16.60 8.08
C SER B 394 -36.61 17.86 8.37
N ILE B 395 -37.19 19.01 8.05
CA ILE B 395 -36.56 20.29 8.39
C ILE B 395 -37.01 20.75 9.78
N LEU B 396 -36.03 21.01 10.64
CA LEU B 396 -36.25 21.41 12.03
C LEU B 396 -35.61 22.77 12.30
N VAL B 397 -36.30 23.62 13.04
CA VAL B 397 -35.87 24.99 13.28
C VAL B 397 -35.21 25.13 14.65
N TYR B 398 -34.17 25.95 14.77
CA TYR B 398 -33.51 26.19 16.05
C TYR B 398 -33.19 27.67 16.19
N ASP B 399 -32.84 28.10 17.41
CA ASP B 399 -32.50 29.52 17.63
C ASP B 399 -31.11 29.70 18.23
N ASP B 400 -30.66 28.67 18.95
CA ASP B 400 -29.35 28.65 19.55
C ASP B 400 -28.53 27.53 18.88
N GLU B 401 -27.36 27.90 18.36
CA GLU B 401 -26.44 26.95 17.73
C GLU B 401 -26.13 25.74 18.64
N ASP B 402 -25.83 26.01 19.91
CA ASP B 402 -25.63 24.94 20.91
C ASP B 402 -26.87 24.07 21.11
N GLU B 403 -28.05 24.68 21.07
CA GLU B 403 -29.30 23.93 21.11
C GLU B 403 -29.35 22.96 19.92
N ALA B 404 -28.97 23.46 18.74
CA ALA B 404 -28.99 22.66 17.52
C ALA B 404 -28.12 21.41 17.66
N ILE B 405 -26.91 21.61 18.19
CA ILE B 405 -25.98 20.51 18.45
C ILE B 405 -26.52 19.50 19.46
N ARG B 406 -27.03 19.99 20.59
N ARG B 406 -27.02 20.00 20.60
CA ARG B 406 -27.60 19.12 21.62
CA ARG B 406 -27.60 19.13 21.62
C ARG B 406 -28.72 18.27 21.03
C ARG B 406 -28.73 18.27 21.04
N ARG B 407 -29.60 18.89 20.26
CA ARG B 407 -30.70 18.16 19.62
C ARG B 407 -30.18 17.17 18.57
N ALA B 408 -29.15 17.58 17.83
CA ALA B 408 -28.51 16.69 16.87
C ALA B 408 -28.02 15.43 17.56
N ASN B 409 -27.41 15.61 18.73
CA ASN B 409 -26.90 14.49 19.53
C ASN B 409 -27.96 13.66 20.24
N ASP B 410 -29.17 14.21 20.33
CA ASP B 410 -30.22 13.61 21.17
C ASP B 410 -30.91 12.43 20.48
N THR B 411 -30.18 11.33 20.32
CA THR B 411 -30.69 10.14 19.65
C THR B 411 -29.81 8.93 19.98
N GLU B 412 -30.35 7.72 19.80
CA GLU B 412 -29.53 6.52 20.03
C GLU B 412 -28.69 6.19 18.80
N TYR B 413 -28.95 6.89 17.71
CA TYR B 413 -28.15 6.75 16.49
C TYR B 413 -26.89 7.60 16.57
N GLY B 414 -26.00 7.42 15.60
CA GLY B 414 -24.75 8.13 15.57
C GLY B 414 -23.91 7.75 14.36
N LEU B 415 -24.55 7.54 13.22
CA LEU B 415 -23.82 7.14 12.02
C LEU B 415 -23.05 8.32 11.40
N ALA B 416 -23.79 9.29 10.89
CA ALA B 416 -23.16 10.45 10.27
C ALA B 416 -23.64 11.78 10.84
N ALA B 417 -22.93 12.84 10.48
CA ALA B 417 -23.31 14.19 10.84
C ALA B 417 -22.62 15.14 9.87
N GLY B 418 -23.13 16.35 9.75
CA GLY B 418 -22.53 17.32 8.86
C GLY B 418 -22.91 18.74 9.21
N VAL B 419 -22.05 19.69 8.86
CA VAL B 419 -22.35 21.09 9.11
C VAL B 419 -22.10 21.90 7.85
N VAL B 420 -22.88 22.95 7.67
CA VAL B 420 -22.64 23.89 6.58
C VAL B 420 -22.39 25.25 7.19
N THR B 421 -21.19 25.78 6.96
CA THR B 421 -20.79 27.07 7.50
C THR B 421 -19.55 27.56 6.77
N GLN B 422 -19.33 28.87 6.77
CA GLN B 422 -18.10 29.41 6.19
C GLN B 422 -17.13 29.80 7.29
N ASP B 423 -17.53 29.56 8.53
CA ASP B 423 -16.75 30.01 9.68
C ASP B 423 -15.84 28.90 10.24
N LEU B 424 -14.55 29.18 10.26
CA LEU B 424 -13.52 28.23 10.74
C LEU B 424 -13.88 27.64 12.10
N ALA B 425 -14.18 28.51 13.07
CA ALA B 425 -14.46 28.08 14.44
C ALA B 425 -15.73 27.26 14.55
N ARG B 426 -16.80 27.70 13.87
CA ARG B 426 -18.04 26.93 13.89
C ARG B 426 -17.83 25.53 13.34
N ALA B 427 -17.19 25.43 12.17
CA ALA B 427 -16.98 24.16 11.48
C ALA B 427 -16.36 23.12 12.38
N HIS B 428 -15.17 23.43 12.90
CA HIS B 428 -14.42 22.46 13.69
C HIS B 428 -15.00 22.25 15.09
N ARG B 429 -15.44 23.33 15.76
CA ARG B 429 -15.98 23.15 17.10
C ARG B 429 -17.27 22.35 17.11
N ALA B 430 -18.13 22.61 16.13
CA ALA B 430 -19.38 21.85 16.04
C ALA B 430 -19.09 20.39 15.75
N ILE B 431 -18.28 20.15 14.72
CA ILE B 431 -18.02 18.78 14.28
C ILE B 431 -17.41 17.96 15.42
N HIS B 432 -16.58 18.60 16.26
CA HIS B 432 -15.98 17.92 17.41
C HIS B 432 -16.98 17.45 18.48
N ARG B 433 -18.09 18.18 18.62
CA ARG B 433 -19.10 17.88 19.63
C ARG B 433 -20.21 16.97 19.12
N LEU B 434 -20.29 16.82 17.79
CA LEU B 434 -21.33 15.95 17.20
C LEU B 434 -20.97 14.47 17.34
N GLU B 435 -21.86 13.71 17.96
CA GLU B 435 -21.53 12.32 18.29
C GLU B 435 -21.81 11.37 17.13
N ALA B 436 -20.88 11.30 16.19
CA ALA B 436 -21.04 10.45 15.03
C ALA B 436 -19.69 10.02 14.49
N GLY B 437 -19.67 8.90 13.77
CA GLY B 437 -18.41 8.37 13.25
C GLY B 437 -17.99 8.99 11.92
N ILE B 438 -18.97 9.48 11.18
CA ILE B 438 -18.74 10.02 9.84
C ILE B 438 -19.21 11.46 9.78
N CYS B 439 -18.27 12.40 9.68
CA CYS B 439 -18.60 13.82 9.78
C CYS B 439 -18.17 14.67 8.57
N TRP B 440 -19.13 15.37 7.98
CA TRP B 440 -18.87 16.17 6.79
C TRP B 440 -18.96 17.66 7.08
N ILE B 441 -17.98 18.41 6.58
CA ILE B 441 -18.06 19.87 6.61
C ILE B 441 -18.23 20.42 5.19
N ASN B 442 -19.32 21.14 4.95
CA ASN B 442 -19.60 21.75 3.65
C ASN B 442 -19.69 20.79 2.48
N THR B 443 -20.01 19.53 2.77
CA THR B 443 -20.24 18.53 1.74
C THR B 443 -21.10 17.41 2.33
N TRP B 444 -21.39 16.37 1.56
CA TRP B 444 -22.09 15.19 2.10
C TRP B 444 -21.89 13.98 1.21
N GLY B 445 -21.86 12.80 1.82
CA GLY B 445 -21.90 11.56 1.06
C GLY B 445 -20.61 11.00 0.48
N GLU B 446 -19.58 11.83 0.35
CA GLU B 446 -18.29 11.34 -0.15
C GLU B 446 -17.62 10.45 0.90
N SER B 447 -17.20 9.26 0.48
CA SER B 447 -16.66 8.25 1.39
C SER B 447 -15.40 7.59 0.80
N PRO B 448 -14.27 8.30 0.80
CA PRO B 448 -13.03 7.84 0.15
C PRO B 448 -12.51 6.55 0.79
N ALA B 449 -11.79 5.74 0.01
CA ALA B 449 -11.26 4.47 0.49
C ALA B 449 -10.40 4.65 1.73
N GLU B 450 -9.70 5.79 1.81
CA GLU B 450 -8.78 6.05 2.90
C GLU B 450 -9.52 6.36 4.20
N MET B 451 -10.78 6.77 4.09
CA MET B 451 -11.51 7.27 5.25
C MET B 451 -12.30 6.19 5.97
N PRO B 452 -11.91 5.90 7.22
CA PRO B 452 -12.64 4.87 7.97
C PRO B 452 -14.03 5.37 8.35
N VAL B 453 -15.03 4.54 8.06
CA VAL B 453 -16.43 4.92 8.24
C VAL B 453 -17.21 3.91 9.08
N GLY B 454 -18.13 4.41 9.91
CA GLY B 454 -18.91 3.56 10.78
C GLY B 454 -19.57 4.40 11.85
N GLY B 455 -20.49 3.79 12.62
CA GLY B 455 -21.30 4.55 13.56
C GLY B 455 -20.86 4.56 15.02
N TYR B 456 -21.19 5.66 15.70
CA TYR B 456 -21.17 5.75 17.14
C TYR B 456 -22.45 5.12 17.67
N LYS B 457 -22.45 4.74 18.95
CA LYS B 457 -23.68 4.29 19.64
C LYS B 457 -24.37 3.14 18.93
N GLN B 458 -25.68 3.23 18.73
CA GLN B 458 -26.41 2.11 18.14
C GLN B 458 -26.38 2.08 16.62
N SER B 459 -25.56 2.94 16.03
CA SER B 459 -25.40 2.92 14.57
C SER B 459 -24.27 1.97 14.12
N GLY B 460 -23.45 1.52 15.06
CA GLY B 460 -22.43 0.56 14.68
C GLY B 460 -21.41 0.09 15.70
N VAL B 461 -20.65 -0.92 15.27
CA VAL B 461 -19.47 -1.38 15.98
C VAL B 461 -18.44 -1.63 14.88
N GLY B 462 -17.22 -1.13 15.09
CA GLY B 462 -16.17 -1.28 14.09
C GLY B 462 -16.28 -0.27 12.95
N ARG B 463 -15.44 -0.47 11.93
CA ARG B 463 -15.35 0.46 10.82
C ARG B 463 -15.16 -0.29 9.52
N GLU B 464 -15.40 0.42 8.42
CA GLU B 464 -15.02 -0.07 7.10
C GLU B 464 -14.17 1.02 6.43
N ASN B 465 -13.38 0.60 5.44
CA ASN B 465 -12.43 1.47 4.75
C ASN B 465 -11.29 1.99 5.64
N GLY B 466 -10.27 2.58 5.03
CA GLY B 466 -9.13 3.09 5.77
C GLY B 466 -8.21 2.00 6.29
N LEU B 467 -7.07 2.44 6.81
CA LEU B 467 -6.05 1.53 7.34
C LEU B 467 -6.61 0.68 8.48
N THR B 468 -7.34 1.31 9.38
CA THR B 468 -7.82 0.64 10.58
C THR B 468 -8.61 -0.64 10.23
N THR B 469 -9.39 -0.59 9.16
CA THR B 469 -10.27 -1.71 8.83
C THR B 469 -9.45 -2.94 8.42
N LEU B 470 -8.41 -2.73 7.62
CA LEU B 470 -7.50 -3.81 7.25
C LEU B 470 -6.93 -4.49 8.51
N ALA B 471 -6.49 -3.69 9.47
CA ALA B 471 -5.96 -4.23 10.71
C ALA B 471 -6.97 -5.09 11.45
N HIS B 472 -8.25 -4.72 11.40
CA HIS B 472 -9.27 -5.44 12.15
C HIS B 472 -9.78 -6.69 11.45
N TYR B 473 -9.17 -7.01 10.32
CA TYR B 473 -9.43 -8.30 9.69
C TYR B 473 -8.22 -9.19 9.95
N THR B 474 -7.40 -8.79 10.91
CA THR B 474 -6.34 -9.65 11.44
C THR B 474 -6.55 -9.81 12.94
N ARG B 475 -5.85 -10.75 13.54
CA ARG B 475 -5.82 -10.86 14.99
C ARG B 475 -4.37 -10.78 15.47
N ILE B 476 -4.17 -10.17 16.63
CA ILE B 476 -2.83 -9.97 17.12
C ILE B 476 -2.36 -11.19 17.92
N LYS B 477 -1.20 -11.71 17.55
CA LYS B 477 -0.51 -12.69 18.39
C LYS B 477 0.75 -12.03 18.97
N SER B 478 0.88 -12.05 20.29
CA SER B 478 2.10 -11.59 20.95
C SER B 478 3.03 -12.77 21.22
N VAL B 479 4.30 -12.62 20.82
CA VAL B 479 5.31 -13.65 20.99
C VAL B 479 6.42 -13.09 21.86
N GLN B 480 6.60 -13.69 23.04
CA GLN B 480 7.72 -13.30 23.90
C GLN B 480 8.81 -14.34 23.78
N VAL B 481 10.00 -13.87 23.41
CA VAL B 481 11.17 -14.70 23.25
C VAL B 481 12.04 -14.52 24.48
N GLU B 482 12.27 -15.58 25.25
CA GLU B 482 13.16 -15.48 26.39
C GLU B 482 14.53 -16.03 25.97
N LEU B 483 15.57 -15.23 26.14
CA LEU B 483 16.90 -15.61 25.66
C LEU B 483 17.84 -15.92 26.81
N GLY B 484 17.41 -15.60 28.02
CA GLY B 484 18.23 -15.83 29.20
C GLY B 484 17.66 -16.92 30.08
N ASP B 485 17.77 -16.77 31.40
CA ASP B 485 17.34 -17.83 32.30
C ASP B 485 15.89 -17.67 32.72
N TYR B 486 15.27 -18.79 33.10
CA TYR B 486 13.90 -18.74 33.59
C TYR B 486 13.89 -19.09 35.08
N ALA B 487 13.21 -18.26 35.88
CA ALA B 487 13.19 -18.49 37.32
C ALA B 487 11.84 -19.01 37.81
N SER B 488 11.86 -20.15 38.47
CA SER B 488 10.66 -20.72 39.08
C SER B 488 10.69 -20.45 40.59
N VAL B 489 9.54 -20.15 41.16
CA VAL B 489 9.46 -19.95 42.61
C VAL B 489 9.42 -21.29 43.34
N PHE B 490 9.16 -22.36 42.60
CA PHE B 490 9.04 -23.71 43.17
C PHE B 490 10.35 -24.50 43.08
C1 EDO C . -1.47 -0.23 -14.77
O1 EDO C . -2.52 0.33 -13.96
C2 EDO C . -2.09 -1.17 -15.80
O2 EDO C . -3.14 -0.49 -16.49
C1 EDO D . 45.50 -4.87 -19.05
O1 EDO D . 45.33 -3.45 -19.05
C2 EDO D . 44.89 -5.45 -20.32
O2 EDO D . 43.53 -5.01 -20.42
C1 EDO E . 24.92 -11.30 -1.85
O1 EDO E . 24.17 -10.16 -1.41
C2 EDO E . 23.95 -12.45 -2.10
O2 EDO E . 22.83 -11.96 -2.84
C1 EDO F . 43.80 -0.22 -15.79
O1 EDO F . 44.21 0.81 -14.87
C2 EDO F . 44.99 -1.12 -16.09
O2 EDO F . 44.51 -2.37 -16.60
C1 EDO G . 1.17 12.97 0.03
O1 EDO G . 1.10 12.79 1.45
C2 EDO G . 2.61 13.28 -0.35
O2 EDO G . 2.62 13.69 -1.71
C1 EDO H . 34.84 -26.11 21.02
O1 EDO H . 35.39 -27.39 20.67
C2 EDO H . 33.37 -26.25 21.36
O2 EDO H . 32.63 -26.73 20.22
C1 EDO I . 25.76 25.68 -8.56
O1 EDO I . 24.65 26.59 -8.63
C2 EDO I . 25.33 24.32 -9.08
O2 EDO I . 24.76 24.44 -10.38
C1 EDO J . 3.46 9.46 12.71
O1 EDO J . 2.92 9.28 11.38
C2 EDO J . 4.82 10.14 12.60
O2 EDO J . 5.49 10.04 13.87
C1 EDO K . 22.41 -20.34 24.96
O1 EDO K . 23.60 -19.87 24.32
C2 EDO K . 22.38 -21.86 24.95
O2 EDO K . 21.02 -22.33 25.04
C1 EDO L . 18.89 -6.11 -25.67
O1 EDO L . 18.32 -7.39 -26.01
C2 EDO L . 20.40 -6.20 -25.74
O2 EDO L . 20.95 -4.89 -25.67
C1 EDO M . 45.10 -25.04 9.89
O1 EDO M . 44.93 -25.45 11.26
C2 EDO M . 43.86 -25.46 9.10
O2 EDO M . 44.23 -25.76 7.76
C1 EDO N . 32.00 -18.77 -24.56
O1 EDO N . 30.71 -19.37 -24.46
C2 EDO N . 31.87 -17.35 -25.11
O2 EDO N . 33.16 -16.73 -25.25
C1 EDO O . 33.05 -10.66 -26.04
O1 EDO O . 32.31 -11.53 -25.18
C2 EDO O . 34.00 -11.43 -26.96
O2 EDO O . 34.68 -10.50 -27.81
C1 EDO P . 28.53 -30.37 10.23
O1 EDO P . 28.17 -29.06 10.67
C2 EDO P . 28.50 -30.40 8.71
O2 EDO P . 29.07 -31.64 8.25
C1 EDO Q . 13.50 18.37 6.90
O1 EDO Q . 12.80 17.18 6.55
C2 EDO Q . 13.26 19.50 5.87
O2 EDO Q . 11.94 20.03 5.97
C1 EDO R . -3.75 10.48 -0.35
O1 EDO R . -5.01 9.80 -0.25
C2 EDO R . -2.71 9.84 0.58
O2 EDO R . -1.39 10.18 0.10
C1 EDO S . -2.55 19.30 -1.19
O1 EDO S . -3.35 18.23 -0.68
C2 EDO S . -3.11 20.65 -0.74
O2 EDO S . -2.34 21.69 -1.33
C1 EDO T . 42.04 -2.99 14.91
O1 EDO T . 41.95 -3.34 16.28
C2 EDO T . 43.47 -3.22 14.43
O2 EDO T . 43.66 -2.62 13.15
C1 EDO U . 26.56 -13.75 22.32
O1 EDO U . 26.34 -12.82 23.39
C2 EDO U . 27.20 -15.02 22.87
O2 EDO U . 27.34 -15.99 21.82
C1 EDO V . 22.68 -22.99 11.30
O1 EDO V . 23.78 -23.90 11.21
C2 EDO V . 21.37 -23.79 11.19
O2 EDO V . 21.38 -24.87 12.14
O1 PE4 W . 20.10 -13.27 -3.46
C1 PE4 W . 20.26 -14.46 -2.67
C2 PE4 W . 19.45 -14.34 -1.39
O2 PE4 W . 19.35 -15.62 -0.75
C3 PE4 W . 18.29 -16.44 -1.24
C4 PE4 W . 16.92 -15.82 -0.93
O3 PE4 W . 15.92 -16.44 -1.75
C5 PE4 W . 14.74 -15.65 -1.93
C6 PE4 W . 15.11 -14.24 -2.41
O4 PE4 W . 14.02 -13.58 -3.06
C7 PE4 W . 14.16 -13.53 -4.48
C8 PE4 W . 15.49 -12.90 -4.90
O5 PE4 W . 15.80 -13.26 -6.25
C9 PE4 W . 17.20 -13.21 -6.52
C10 PE4 W . 17.68 -14.49 -7.20
O6 PE4 W . 19.11 -14.56 -7.26
C11 PE4 W . 19.71 -15.22 -6.13
C12 PE4 W . 19.38 -16.70 -6.23
O7 PE4 W . 19.48 -17.36 -4.96
C13 PE4 W . 19.07 -18.72 -5.04
C14 PE4 W . 17.59 -18.89 -4.65
O8 PE4 W . 16.73 -18.37 -5.67
C15 PE4 W . 15.52 -17.84 -5.14
C16 PE4 W . 15.06 -16.68 -6.00
K K X . 30.77 0.23 -18.56
K K Y . 16.38 21.68 4.16
K K Z . 17.48 -15.18 -4.04
C1 GOL AA . 45.56 -1.25 -2.84
O1 GOL AA . 45.28 -0.33 -3.90
C2 GOL AA . 46.51 -0.56 -1.86
O2 GOL AA . 47.71 -0.18 -2.54
C3 GOL AA . 46.84 -1.51 -0.72
O3 GOL AA . 47.91 -0.98 0.06
C1 GOL BA . 31.26 -19.48 -20.03
O1 GOL BA . 32.44 -19.11 -20.75
C2 GOL BA . 31.38 -20.84 -19.35
O2 GOL BA . 30.18 -21.10 -18.62
C3 GOL BA . 32.55 -20.87 -18.37
O3 GOL BA . 32.50 -22.10 -17.63
C1 GOL CA . 51.99 -7.65 8.85
O1 GOL CA . 52.88 -8.64 9.38
C2 GOL CA . 50.86 -7.39 9.83
O2 GOL CA . 50.13 -8.59 10.05
C3 GOL CA . 49.92 -6.33 9.26
O3 GOL CA . 50.54 -5.03 9.30
C1 GOL DA . 19.12 6.45 -28.20
O1 GOL DA . 18.87 5.74 -27.02
C2 GOL DA . 19.08 7.96 -27.94
O2 GOL DA . 18.60 8.62 -29.09
C3 GOL DA . 20.48 8.49 -27.65
O3 GOL DA . 20.61 8.82 -26.29
C1 GOL EA . 20.51 0.25 -26.09
O1 GOL EA . 19.69 -0.20 -27.15
C2 GOL EA . 21.23 1.51 -26.54
O2 GOL EA . 21.81 2.10 -25.39
C3 GOL EA . 20.25 2.49 -27.19
O3 GOL EA . 20.91 3.56 -27.82
C1 GOL FA . 4.77 22.78 -0.15
O1 GOL FA . 4.12 23.45 0.91
C2 GOL FA . 3.73 22.46 -1.22
O2 GOL FA . 2.71 23.43 -1.16
C3 GOL FA . 3.15 21.07 -0.92
O3 GOL FA . 1.74 21.13 -0.88
C1 GOL GA . 6.47 12.96 -24.36
O1 GOL GA . 5.51 12.57 -23.40
C2 GOL GA . 6.65 14.48 -24.30
O2 GOL GA . 5.42 15.13 -24.59
C3 GOL GA . 7.74 14.94 -25.25
O3 GOL GA . 7.74 16.35 -25.32
C1 GOL HA . -2.95 13.25 -3.10
O1 GOL HA . -2.04 13.29 -2.03
C2 GOL HA . -3.00 14.61 -3.77
O2 GOL HA . -1.67 14.99 -4.10
C3 GOL HA . -3.56 15.62 -2.77
O3 GOL HA . -3.22 16.93 -3.19
C1 GOL IA . 22.70 -1.47 0.86
O1 GOL IA . 23.92 -0.76 0.74
C2 GOL IA . 22.18 -1.74 -0.53
O2 GOL IA . 21.00 -2.50 -0.44
C3 GOL IA . 21.97 -0.44 -1.31
O3 GOL IA . 20.77 0.21 -0.91
C1 GOL JA . 34.85 -14.27 -22.21
O1 GOL JA . 35.66 -15.28 -21.65
C2 GOL JA . 35.64 -12.97 -22.36
O2 GOL JA . 35.16 -12.03 -21.44
C3 GOL JA . 35.43 -12.43 -23.77
O3 GOL JA . 34.25 -12.99 -24.28
C1 GOL KA . 21.09 -6.55 -4.42
O1 GOL KA . 19.85 -7.04 -3.94
C2 GOL KA . 21.73 -5.57 -3.44
O2 GOL KA . 20.78 -5.06 -2.52
C3 GOL KA . 22.38 -4.45 -4.24
O3 GOL KA . 22.06 -3.18 -3.68
O3 TXE LA . 32.55 5.48 -7.24
PA TXE LA . 32.14 6.61 -6.17
PN TXE LA . 33.59 4.35 -6.76
C1B TXE LA . 30.53 1.51 -3.04
C2B TXE LA . 31.58 0.55 -2.49
C3B TXE LA . 32.80 0.75 -3.37
C4B TXE LA . 32.49 2.03 -4.14
C5B TXE LA . 33.13 2.06 -5.53
O2B TXE LA . 31.87 0.96 -1.15
O3B TXE LA . 34.01 0.92 -2.61
O4B TXE LA . 31.07 2.02 -4.25
O5B TXE LA . 32.61 3.18 -6.24
C1' TXE LA . 29.51 10.28 -8.14
N1A TXE LA . 30.35 14.93 -6.05
N1N TXE LA . 29.28 0.80 -3.28
O1N TXE LA . 34.51 4.90 -5.56
O1P TXE LA . 31.62 5.92 -4.81
C2' TXE LA . 29.95 9.37 -9.27
O2' TXE LA . 29.87 9.98 -10.57
C2A TXE LA . 29.20 14.37 -6.45
C2N TXE LA . 28.44 0.47 -2.12
O2N TXE LA . 34.49 3.86 -8.01
O2P TXE LA . 33.42 7.54 -5.88
C3' TXE LA . 28.99 8.21 -9.15
O3' TXE LA . 27.74 8.49 -9.79
N3A TXE LA . 29.13 13.15 -6.99
C3N TXE LA . 26.99 0.73 -2.54
C4' TXE LA . 28.78 8.09 -7.64
O4' TXE LA . 29.14 9.37 -7.10
C4A TXE LA . 30.26 12.42 -7.12
C4N TXE LA . 26.68 0.00 -3.84
C5' TXE LA . 29.65 7.00 -7.02
O5' TXE LA . 30.99 7.47 -6.90
C5A TXE LA . 31.55 13.01 -6.70
C5N TXE LA . 27.70 0.47 -4.83
C6A TXE LA . 31.53 14.29 -6.15
N6A TXE LA . 32.67 14.89 -5.73
C6N TXE LA . 28.97 0.51 -4.47
N7A TXE LA . 32.49 12.09 -6.96
C7N TXE LA . 25.91 0.38 -1.51
N7N TXE LA . 25.91 1.06 -0.36
O7N TXE LA . 25.08 -0.48 -1.75
C8A TXE LA . 31.87 11.01 -7.51
N9A TXE LA . 30.54 11.21 -7.61
C1 EDO MA . 45.43 -28.88 9.87
O1 EDO MA . 44.40 -29.88 9.83
C2 EDO MA . 45.96 -28.63 8.46
O2 EDO MA . 44.87 -28.31 7.60
C1 EDO NA . -22.83 -30.37 -6.79
O1 EDO NA . -23.88 -29.80 -5.99
C2 EDO NA . -22.45 -29.36 -7.87
O2 EDO NA . -23.63 -28.84 -8.50
C1 EDO OA . -14.34 9.26 -3.89
O1 EDO OA . -15.14 8.17 -3.40
C2 EDO OA . -13.61 9.91 -2.74
O2 EDO OA . -12.72 10.92 -3.23
C1 EDO PA . -2.07 -11.12 7.50
O1 EDO PA . -2.21 -11.80 6.25
C2 EDO PA . -0.70 -10.45 7.53
O2 EDO PA . 0.29 -11.44 7.20
C1 EDO QA . -26.95 33.41 -0.31
O1 EDO QA . -26.99 32.43 0.74
C2 EDO QA . -26.75 32.71 -1.65
O2 EDO QA . -27.86 31.83 -1.89
C1 EDO RA . -18.50 7.54 -2.15
O1 EDO RA . -17.33 8.38 -2.20
C2 EDO RA . -19.37 7.80 -3.37
O2 EDO RA . -19.47 9.20 -3.63
C1 EDO SA . -27.54 -12.23 -15.17
O1 EDO SA . -28.03 -12.91 -14.02
C2 EDO SA . -27.15 -13.31 -16.18
O2 EDO SA . -26.75 -14.45 -15.42
C1 EDO TA . 16.47 -12.92 33.24
O1 EDO TA . 17.58 -13.71 32.80
C2 EDO TA . 15.31 -13.10 32.28
O2 EDO TA . 15.66 -12.64 30.96
C1 EDO UA . -42.09 27.62 2.06
O1 EDO UA . -42.91 27.68 0.89
C2 EDO UA . -41.69 29.03 2.49
O2 EDO UA . -40.92 29.65 1.46
C1 EDO VA . -24.40 18.17 24.23
O1 EDO VA . -24.75 17.09 23.36
C2 EDO VA . -23.66 19.27 23.46
O2 EDO VA . -22.30 18.88 23.22
C1 EDO WA . -32.98 2.88 18.71
O1 EDO WA . -33.63 3.77 17.78
C2 EDO WA . -32.52 1.61 17.99
O2 EDO WA . -33.64 0.78 17.70
C1 EDO XA . -20.17 26.23 19.08
O1 EDO XA . -19.42 27.45 19.10
C2 EDO XA . -20.42 25.80 17.64
O2 EDO XA . -21.21 26.80 17.00
C1 EDO YA . -22.45 27.17 -3.98
O1 EDO YA . -23.23 26.65 -5.07
C2 EDO YA . -22.13 28.64 -4.25
O2 EDO YA . -23.35 29.35 -4.54
C1 EDO ZA . -25.64 -1.81 -20.75
O1 EDO ZA . -25.09 -3.12 -20.83
C2 EDO ZA . -24.52 -0.81 -20.45
O2 EDO ZA . -25.09 0.45 -20.11
C1 EDO AB . -21.14 3.62 5.84
O1 EDO AB . -22.38 3.29 6.48
C2 EDO AB . -21.17 2.98 4.47
O2 EDO AB . -21.92 1.76 4.57
O1 PE4 BB . -21.74 10.77 -4.29
C1 PE4 BB . -21.88 12.13 -3.87
C2 PE4 BB . -20.57 12.61 -3.26
O2 PE4 BB . -20.58 14.03 -3.12
C3 PE4 BB . -20.40 14.75 -4.35
C4 PE4 BB . -18.98 15.34 -4.43
O3 PE4 BB . -18.07 14.33 -4.86
C5 PE4 BB . -16.75 14.80 -5.11
C6 PE4 BB . -16.01 13.74 -5.93
O4 PE4 BB . -16.37 12.42 -5.48
C7 PE4 BB . -15.92 11.39 -6.36
C8 PE4 BB . -16.81 10.16 -6.26
O5 PE4 BB . -17.38 9.83 -7.53
C9 PE4 BB . -18.64 9.20 -7.43
C10 PE4 BB . -19.44 9.46 -8.71
O6 PE4 BB . -19.92 10.81 -8.79
C11 PE4 BB . -21.34 10.86 -8.85
C12 PE4 BB . -21.92 11.36 -7.53
O7 PE4 BB . -22.54 12.64 -7.65
C13 PE4 BB . -21.88 13.54 -8.55
C14 PE4 BB . -20.77 14.33 -7.85
O8 PE4 BB . -19.50 13.73 -8.08
C15 PE4 BB . -18.97 13.93 -9.39
C16 PE4 BB . -17.68 13.17 -9.54
K K CB . -34.69 -7.22 -6.60
K K DB . -13.08 -14.71 19.27
K K EB . -19.25 12.00 -5.99
C1 GOL FB . -44.79 3.19 9.65
O1 GOL FB . -44.61 1.83 9.24
C2 GOL FB . -44.83 3.30 11.17
O2 GOL FB . -45.75 2.33 11.70
C3 GOL FB . -45.28 4.71 11.54
O3 GOL FB . -45.63 4.76 12.92
C1 GOL GB . -25.34 -19.31 -14.54
O1 GOL GB . -25.65 -18.12 -13.85
C2 GOL GB . -25.36 -20.47 -13.54
O2 GOL GB . -25.39 -21.70 -14.24
C3 GOL GB . -26.60 -20.33 -12.67
O3 GOL GB . -26.33 -19.40 -11.65
C1 GOL HB . -23.12 3.55 0.61
O1 GOL HB . -23.05 2.75 1.77
C2 GOL HB . -22.12 4.69 0.71
O2 GOL HB . -22.43 5.49 1.83
C3 GOL HB . -22.15 5.53 -0.57
O3 GOL HB . -20.85 5.60 -1.14
C1 GOL IB . -10.73 6.12 -3.75
O1 GOL IB . -11.69 6.59 -2.81
C2 GOL IB . -9.61 7.14 -3.92
O2 GOL IB . -8.37 6.65 -3.42
C3 GOL IB . -9.97 8.49 -3.31
O3 GOL IB . -9.71 8.49 -1.92
C1 GOL JB . -40.99 2.46 -16.15
O1 GOL JB . -40.89 1.73 -14.95
C2 GOL JB . -40.94 3.95 -15.81
O2 GOL JB . -41.91 4.20 -14.80
C3 GOL JB . -41.24 4.80 -17.04
O3 GOL JB . -41.33 6.17 -16.69
O3 TXE KB . -33.60 -5.87 6.24
PA TXE KB . -32.33 -6.43 7.05
PN TXE KB . -33.86 -4.28 6.15
C1B TXE KB . -29.47 -0.45 6.57
C2B TXE KB . -30.55 0.57 6.84
C3B TXE KB . -31.85 -0.14 6.56
C4B TXE KB . -31.47 -1.59 6.31
C5B TXE KB . -32.34 -2.28 5.26
O2B TXE KB . -30.51 0.92 8.22
O3B TXE KB . -32.71 -0.07 7.69
O4B TXE KB . -30.11 -1.53 5.88
O5B TXE KB . -32.47 -3.67 5.55
C1' TXE KB . -29.90 -10.46 6.80
N1A TXE KB . -29.77 -13.26 11.20
N1N TXE KB . -28.39 0.10 5.75
O1N TXE KB . -34.17 -3.66 7.60
O1P TXE KB . -31.65 -5.23 7.89
C2' TXE KB . -30.76 -10.33 5.57
O2' TXE KB . -30.84 -11.55 4.83
C2A TXE KB . -28.78 -13.06 10.30
C2N TXE KB . -27.42 0.96 6.44
O2N TXE KB . -35.09 -4.01 5.16
O2P TXE KB . -32.78 -7.62 8.03
C3' TXE KB . -30.08 -9.23 4.77
O3' TXE KB . -29.09 -9.80 3.89
N3A TXE KB . -28.95 -12.32 9.19
C3N TXE KB . -26.03 0.57 5.92
C4' TXE KB . -29.37 -8.39 5.82
O4' TXE KB . -29.47 -9.13 7.05
C4A TXE KB . -30.15 -11.71 8.96
C4N TXE KB . -26.03 0.49 4.39
C5' TXE KB . -29.94 -6.98 5.98
O5' TXE KB . -31.37 -6.99 5.87
C5A TXE KB . -31.23 -11.92 9.93
C5N TXE KB . -27.14 -0.45 4.00
C6A TXE KB . -31.00 -12.70 11.04
N6A TXE KB . -31.97 -12.90 11.96
C6N TXE KB . -28.33 -0.19 4.51
N7A TXE KB . -32.29 -11.23 9.45
C7N TXE KB . -24.91 1.48 6.35
N7N TXE KB . -24.46 1.37 7.59
O7N TXE KB . -24.43 2.29 5.56
C8A TXE KB . -31.92 -10.65 8.28
N9A TXE KB . -30.64 -10.94 7.98
#